data_5KWP
#
_entry.id   5KWP
#
_entity_poly.entity_id   1
_entity_poly.type   'polypeptide(L)'
_entity_poly.pdbx_seq_one_letter_code
;TCVEC(DAL)(DPR)VKVCRPDPEEARREAEERC(NH2)
;
_entity_poly.pdbx_strand_id   A
#
loop_
_chem_comp.id
_chem_comp.type
_chem_comp.name
_chem_comp.formula
NH2 non-polymer 'AMINO GROUP' 'H2 N'
#
# COMPACT_ATOMS: atom_id res chain seq x y z
N THR A 1 -8.58 0.12 -2.42
CA THR A 1 -7.89 1.29 -1.98
C THR A 1 -6.41 1.19 -2.40
N CYS A 2 -5.90 2.21 -3.02
CA CYS A 2 -4.55 2.21 -3.50
C CYS A 2 -3.70 3.20 -2.74
N VAL A 3 -2.70 2.71 -2.07
CA VAL A 3 -1.75 3.55 -1.40
C VAL A 3 -0.50 3.58 -2.24
N GLU A 4 0.05 4.74 -2.42
CA GLU A 4 1.18 4.90 -3.29
C GLU A 4 2.35 5.50 -2.53
N CYS A 5 3.46 4.83 -2.57
CA CYS A 5 4.65 5.26 -1.88
C CYS A 5 5.86 5.08 -2.80
N DAL A 6 6.50 6.19 -3.12
CA DAL A 6 7.70 6.20 -3.96
CB DAL A 6 8.21 7.62 -4.16
C DAL A 6 7.53 5.46 -5.31
O DAL A 6 8.40 4.68 -5.70
H DAL A 6 6.16 7.05 -2.78
HA DAL A 6 8.46 5.66 -3.41
HB1 DAL A 6 9.18 7.59 -4.66
HB2 DAL A 6 8.32 8.11 -3.21
HB3 DAL A 6 7.52 8.18 -4.78
N DPR A 7 6.41 5.68 -6.09
CA DPR A 7 6.21 4.96 -7.34
CB DPR A 7 5.19 5.82 -8.08
CG DPR A 7 4.37 6.41 -6.99
CD DPR A 7 5.32 6.67 -5.86
C DPR A 7 5.64 3.53 -7.13
O DPR A 7 5.28 2.86 -8.10
HA DPR A 7 7.12 4.90 -7.92
HB2 DPR A 7 4.60 5.22 -8.74
HB3 DPR A 7 5.71 6.59 -8.64
HG2 DPR A 7 3.60 5.72 -6.70
HG3 DPR A 7 3.92 7.34 -7.32
HD2 DPR A 7 4.84 6.49 -4.91
HD3 DPR A 7 5.70 7.68 -5.90
N VAL A 8 5.60 3.07 -5.90
CA VAL A 8 5.01 1.78 -5.60
C VAL A 8 3.52 1.99 -5.39
N LYS A 9 2.73 1.22 -6.06
CA LYS A 9 1.30 1.38 -6.04
C LYS A 9 0.69 0.12 -5.45
N VAL A 10 0.20 0.20 -4.25
CA VAL A 10 -0.38 -0.95 -3.61
C VAL A 10 -1.89 -0.82 -3.56
N CYS A 11 -2.56 -1.63 -4.34
CA CYS A 11 -4.00 -1.62 -4.40
C CYS A 11 -4.57 -2.87 -3.76
N ARG A 12 -5.17 -2.71 -2.62
CA ARG A 12 -5.79 -3.81 -1.89
C ARG A 12 -7.16 -3.32 -1.43
N PRO A 13 -8.12 -4.23 -1.14
CA PRO A 13 -9.47 -3.84 -0.71
C PRO A 13 -9.46 -2.94 0.52
N ASP A 14 -8.68 -3.32 1.50
CA ASP A 14 -8.59 -2.55 2.71
C ASP A 14 -7.33 -1.73 2.73
N PRO A 15 -7.44 -0.43 3.08
CA PRO A 15 -6.29 0.49 3.14
C PRO A 15 -5.24 0.01 4.14
N GLU A 16 -5.71 -0.58 5.21
CA GLU A 16 -4.86 -1.09 6.27
C GLU A 16 -4.04 -2.28 5.78
N GLU A 17 -4.68 -3.16 5.02
CA GLU A 17 -4.00 -4.31 4.44
C GLU A 17 -2.98 -3.83 3.42
N ALA A 18 -3.38 -2.82 2.64
CA ALA A 18 -2.52 -2.21 1.65
C ALA A 18 -1.28 -1.65 2.32
N ARG A 19 -1.49 -0.83 3.35
CA ARG A 19 -0.41 -0.24 4.12
C ARG A 19 0.49 -1.28 4.74
N ARG A 20 -0.11 -2.35 5.25
CA ARG A 20 0.62 -3.42 5.91
C ARG A 20 1.77 -3.95 5.04
N GLU A 21 1.53 -4.09 3.74
CA GLU A 21 2.61 -4.49 2.84
C GLU A 21 3.37 -3.27 2.30
N ALA A 22 2.64 -2.17 2.04
CA ALA A 22 3.22 -0.94 1.47
C ALA A 22 4.28 -0.35 2.36
N GLU A 23 3.96 -0.14 3.63
CA GLU A 23 4.89 0.49 4.57
C GLU A 23 5.98 -0.49 4.97
N GLU A 24 5.77 -1.74 4.66
CA GLU A 24 6.75 -2.78 4.88
C GLU A 24 7.84 -2.65 3.81
N ARG A 25 7.50 -2.02 2.71
CA ARG A 25 8.46 -1.76 1.66
C ARG A 25 8.92 -0.32 1.74
N CYS A 26 7.97 0.57 1.89
CA CYS A 26 8.21 1.97 1.97
C CYS A 26 8.31 2.41 3.44
N NH2 A 27 9.48 2.25 4.00
HN1 NH2 A 27 10.19 1.89 3.45
HN2 NH2 A 27 9.59 2.51 4.94
N THR A 1 -8.66 0.03 -2.63
CA THR A 1 -7.86 1.18 -2.27
C THR A 1 -6.41 0.98 -2.72
N CYS A 2 -5.94 1.84 -3.58
CA CYS A 2 -4.58 1.80 -4.03
C CYS A 2 -3.80 2.89 -3.35
N VAL A 3 -2.82 2.51 -2.59
CA VAL A 3 -1.97 3.43 -1.90
C VAL A 3 -0.65 3.56 -2.63
N GLU A 4 -0.01 4.69 -2.48
CA GLU A 4 1.20 4.97 -3.16
C GLU A 4 2.24 5.50 -2.18
N CYS A 5 3.47 5.10 -2.35
CA CYS A 5 4.59 5.64 -1.61
C CYS A 5 5.88 5.42 -2.37
N DAL A 6 6.46 6.50 -2.88
CA DAL A 6 7.76 6.44 -3.57
CB DAL A 6 8.22 7.82 -4.04
C DAL A 6 7.85 5.38 -4.68
O DAL A 6 8.78 4.58 -4.68
H DAL A 6 6.00 7.37 -2.80
HA DAL A 6 8.46 6.13 -2.81
HB1 DAL A 6 9.23 7.75 -4.40
HB2 DAL A 6 8.17 8.51 -3.21
HB3 DAL A 6 7.57 8.16 -4.84
N DPR A 7 6.90 5.33 -5.66
CA DPR A 7 6.95 4.30 -6.71
CB DPR A 7 6.25 5.01 -7.86
CG DPR A 7 5.18 5.79 -7.19
CD DPR A 7 5.76 6.25 -5.88
C DPR A 7 6.18 3.03 -6.33
O DPR A 7 5.79 2.25 -7.20
HA DPR A 7 7.95 4.06 -6.99
HB2 DPR A 7 5.85 4.29 -8.54
HB3 DPR A 7 6.96 5.65 -8.37
HG2 DPR A 7 4.33 5.15 -7.02
HG3 DPR A 7 4.89 6.63 -7.81
HD2 DPR A 7 5.03 6.17 -5.09
HD3 DPR A 7 6.11 7.27 -5.98
N VAL A 8 5.94 2.84 -5.06
CA VAL A 8 5.24 1.66 -4.58
C VAL A 8 3.73 1.88 -4.71
N LYS A 9 3.10 1.01 -5.49
CA LYS A 9 1.66 1.01 -5.68
C LYS A 9 1.09 -0.25 -5.07
N VAL A 10 0.18 -0.12 -4.15
CA VAL A 10 -0.43 -1.27 -3.49
C VAL A 10 -1.95 -1.13 -3.50
N CYS A 11 -2.62 -2.08 -4.10
CA CYS A 11 -4.07 -2.06 -4.17
C CYS A 11 -4.67 -3.16 -3.31
N ARG A 12 -5.39 -2.78 -2.29
CA ARG A 12 -6.06 -3.70 -1.39
C ARG A 12 -7.44 -3.16 -1.03
N PRO A 13 -8.41 -4.06 -0.77
CA PRO A 13 -9.77 -3.67 -0.38
C PRO A 13 -9.77 -2.83 0.92
N ASP A 14 -8.97 -3.26 1.88
CA ASP A 14 -8.80 -2.53 3.11
C ASP A 14 -7.57 -1.66 3.02
N PRO A 15 -7.64 -0.43 3.57
CA PRO A 15 -6.49 0.47 3.63
C PRO A 15 -5.45 -0.11 4.59
N GLU A 16 -5.92 -1.00 5.46
CA GLU A 16 -5.10 -1.72 6.40
C GLU A 16 -4.07 -2.55 5.63
N GLU A 17 -4.56 -3.44 4.79
CA GLU A 17 -3.70 -4.33 4.03
C GLU A 17 -2.88 -3.57 3.02
N ALA A 18 -3.45 -2.51 2.48
CA ALA A 18 -2.76 -1.65 1.53
C ALA A 18 -1.54 -1.05 2.20
N ARG A 19 -1.76 -0.45 3.36
CA ARG A 19 -0.70 0.16 4.12
C ARG A 19 0.37 -0.85 4.48
N ARG A 20 -0.04 -2.02 4.95
CA ARG A 20 0.91 -3.00 5.45
C ARG A 20 1.86 -3.48 4.37
N GLU A 21 1.37 -3.67 3.16
CA GLU A 21 2.24 -4.07 2.07
C GLU A 21 3.08 -2.89 1.62
N ALA A 22 2.49 -1.71 1.64
CA ALA A 22 3.17 -0.50 1.24
C ALA A 22 4.33 -0.19 2.18
N GLU A 23 4.07 -0.21 3.48
CA GLU A 23 5.07 0.16 4.48
C GLU A 23 6.19 -0.88 4.61
N GLU A 24 6.01 -2.03 4.00
CA GLU A 24 7.05 -3.04 3.97
C GLU A 24 8.19 -2.56 3.06
N ARG A 25 7.82 -1.92 1.97
CA ARG A 25 8.79 -1.41 1.02
C ARG A 25 9.05 0.09 1.32
N CYS A 26 8.00 0.76 1.71
CA CYS A 26 8.05 2.16 2.09
C CYS A 26 8.21 2.30 3.60
N NH2 A 27 9.43 2.34 4.06
HN1 NH2 A 27 10.18 2.29 3.42
HN2 NH2 A 27 9.56 2.42 5.02
N THR A 1 -8.71 -0.21 -2.83
CA THR A 1 -8.14 1.00 -3.35
C THR A 1 -6.60 0.87 -3.26
N CYS A 2 -5.85 1.80 -3.82
CA CYS A 2 -4.41 1.69 -3.79
C CYS A 2 -3.82 2.83 -2.98
N VAL A 3 -2.68 2.60 -2.39
CA VAL A 3 -1.95 3.63 -1.67
C VAL A 3 -0.66 3.92 -2.41
N GLU A 4 -0.27 5.17 -2.41
CA GLU A 4 0.92 5.59 -3.12
C GLU A 4 2.08 5.58 -2.12
N CYS A 5 3.01 4.69 -2.30
CA CYS A 5 4.15 4.64 -1.43
C CYS A 5 5.43 4.58 -2.23
N DAL A 6 6.13 5.70 -2.28
CA DAL A 6 7.42 5.83 -2.99
CB DAL A 6 7.97 7.24 -2.87
C DAL A 6 7.36 5.35 -4.47
O DAL A 6 8.26 4.61 -4.89
H DAL A 6 5.77 6.50 -1.83
HA DAL A 6 8.11 5.17 -2.47
HB1 DAL A 6 7.34 7.92 -3.44
HB2 DAL A 6 8.97 7.26 -3.27
HB3 DAL A 6 7.98 7.54 -1.84
N DPR A 7 6.36 5.77 -5.29
CA DPR A 7 6.26 5.29 -6.68
CB DPR A 7 5.36 6.33 -7.35
CG DPR A 7 4.49 6.82 -6.25
CD DPR A 7 5.29 6.76 -4.99
C DPR A 7 5.60 3.90 -6.78
O DPR A 7 5.31 3.44 -7.89
HA DPR A 7 7.22 5.27 -7.16
HB2 DPR A 7 4.80 5.86 -8.13
HB3 DPR A 7 5.97 7.12 -7.76
HG2 DPR A 7 3.62 6.19 -6.17
HG3 DPR A 7 4.18 7.83 -6.45
HD2 DPR A 7 4.69 6.45 -4.16
HD3 DPR A 7 5.73 7.73 -4.79
N VAL A 8 5.40 3.25 -5.67
CA VAL A 8 4.77 1.96 -5.65
C VAL A 8 3.33 2.15 -5.23
N LYS A 9 2.43 1.75 -6.08
CA LYS A 9 1.03 1.85 -5.79
C LYS A 9 0.53 0.49 -5.35
N VAL A 10 0.30 0.36 -4.07
CA VAL A 10 -0.12 -0.90 -3.49
C VAL A 10 -1.63 -0.94 -3.41
N CYS A 11 -2.20 -1.80 -4.18
CA CYS A 11 -3.63 -1.96 -4.24
C CYS A 11 -4.04 -3.11 -3.34
N ARG A 12 -5.09 -2.91 -2.59
CA ARG A 12 -5.57 -3.88 -1.65
C ARG A 12 -6.99 -3.46 -1.24
N PRO A 13 -7.95 -4.41 -1.14
CA PRO A 13 -9.34 -4.09 -0.73
C PRO A 13 -9.39 -3.40 0.65
N ASP A 14 -8.48 -3.76 1.52
CA ASP A 14 -8.35 -3.13 2.82
C ASP A 14 -7.26 -2.09 2.79
N PRO A 15 -7.59 -0.81 3.02
CA PRO A 15 -6.59 0.28 3.05
C PRO A 15 -5.59 0.07 4.19
N GLU A 16 -6.04 -0.61 5.22
CA GLU A 16 -5.22 -0.97 6.36
C GLU A 16 -4.10 -1.91 5.91
N GLU A 17 -4.48 -2.98 5.21
CA GLU A 17 -3.50 -3.92 4.67
C GLU A 17 -2.67 -3.25 3.59
N ALA A 18 -3.30 -2.38 2.80
CA ALA A 18 -2.61 -1.64 1.74
C ALA A 18 -1.43 -0.90 2.32
N ARG A 19 -1.68 -0.19 3.39
CA ARG A 19 -0.67 0.57 4.08
C ARG A 19 0.41 -0.35 4.65
N ARG A 20 -0.02 -1.41 5.34
CA ARG A 20 0.91 -2.36 5.94
C ARG A 20 1.83 -3.00 4.91
N GLU A 21 1.26 -3.41 3.78
CA GLU A 21 2.04 -3.95 2.70
C GLU A 21 3.03 -2.93 2.17
N ALA A 22 2.51 -1.73 1.90
CA ALA A 22 3.29 -0.65 1.34
C ALA A 22 4.48 -0.28 2.22
N GLU A 23 4.21 0.05 3.47
CA GLU A 23 5.21 0.53 4.40
C GLU A 23 6.33 -0.50 4.64
N GLU A 24 5.98 -1.78 4.71
CA GLU A 24 6.99 -2.82 4.90
C GLU A 24 7.89 -2.93 3.68
N ARG A 25 7.31 -2.77 2.50
CA ARG A 25 8.08 -2.85 1.26
C ARG A 25 8.94 -1.61 1.10
N CYS A 26 8.33 -0.46 1.33
CA CYS A 26 9.00 0.83 1.24
C CYS A 26 10.14 0.93 2.26
N NH2 A 27 9.82 1.05 3.52
HN1 NH2 A 27 8.87 1.08 3.78
HN2 NH2 A 27 10.55 1.12 4.17
N THR A 1 -7.97 1.61 -1.04
CA THR A 1 -7.61 0.57 -1.96
C THR A 1 -6.17 0.77 -2.49
N CYS A 2 -5.86 1.92 -3.03
CA CYS A 2 -4.55 2.12 -3.60
C CYS A 2 -3.70 3.04 -2.75
N VAL A 3 -2.70 2.47 -2.15
CA VAL A 3 -1.76 3.21 -1.37
C VAL A 3 -0.45 3.30 -2.14
N GLU A 4 0.38 4.22 -1.80
CA GLU A 4 1.58 4.46 -2.57
C GLU A 4 2.81 4.29 -1.73
N CYS A 5 3.85 3.81 -2.35
CA CYS A 5 5.13 3.73 -1.73
C CYS A 5 6.19 4.03 -2.76
N DAL A 6 6.69 5.26 -2.73
CA DAL A 6 7.73 5.73 -3.64
CB DAL A 6 8.09 7.19 -3.36
C DAL A 6 7.42 5.49 -5.14
O DAL A 6 8.27 4.95 -5.85
H DAL A 6 6.33 5.88 -2.05
HA DAL A 6 8.61 5.14 -3.40
HB1 DAL A 6 8.96 7.46 -3.94
HB2 DAL A 6 8.31 7.32 -2.31
HB3 DAL A 6 7.26 7.83 -3.64
N DPR A 7 6.20 5.84 -5.66
CA DPR A 7 5.87 5.60 -7.07
CB DPR A 7 4.87 6.70 -7.36
CG DPR A 7 4.11 6.87 -6.09
CD DPR A 7 5.09 6.57 -4.97
C DPR A 7 5.22 4.22 -7.30
O DPR A 7 4.63 3.97 -8.36
HA DPR A 7 6.73 5.70 -7.71
HB2 DPR A 7 4.22 6.39 -8.16
HB3 DPR A 7 5.39 7.60 -7.63
HG2 DPR A 7 3.29 6.17 -6.06
HG3 DPR A 7 3.75 7.87 -6.00
HD2 DPR A 7 4.63 5.93 -4.23
HD3 DPR A 7 5.44 7.48 -4.53
N VAL A 8 5.35 3.32 -6.34
CA VAL A 8 4.72 2.03 -6.45
C VAL A 8 3.30 2.14 -5.96
N LYS A 9 2.38 1.64 -6.75
CA LYS A 9 0.98 1.69 -6.43
C LYS A 9 0.57 0.34 -5.87
N VAL A 10 0.25 0.32 -4.63
CA VAL A 10 -0.17 -0.89 -3.98
C VAL A 10 -1.67 -0.86 -3.84
N CYS A 11 -2.34 -1.53 -4.72
CA CYS A 11 -3.77 -1.59 -4.70
C CYS A 11 -4.23 -2.87 -4.09
N ARG A 12 -4.83 -2.75 -2.94
CA ARG A 12 -5.34 -3.84 -2.18
C ARG A 12 -6.59 -3.33 -1.49
N PRO A 13 -7.74 -4.03 -1.70
CA PRO A 13 -9.09 -3.59 -1.25
C PRO A 13 -9.17 -3.05 0.19
N ASP A 14 -8.51 -3.71 1.10
CA ASP A 14 -8.57 -3.32 2.50
C ASP A 14 -7.49 -2.27 2.81
N PRO A 15 -7.89 -1.10 3.36
CA PRO A 15 -6.99 0.02 3.65
C PRO A 15 -5.78 -0.29 4.55
N GLU A 16 -6.03 -0.81 5.75
CA GLU A 16 -4.94 -1.09 6.74
C GLU A 16 -4.06 -2.17 6.15
N GLU A 17 -4.73 -3.15 5.60
CA GLU A 17 -4.14 -4.28 4.89
C GLU A 17 -3.15 -3.78 3.81
N ALA A 18 -3.59 -2.80 3.01
CA ALA A 18 -2.76 -2.22 1.94
C ALA A 18 -1.62 -1.38 2.52
N ARG A 19 -1.94 -0.60 3.56
CA ARG A 19 -0.96 0.24 4.26
C ARG A 19 0.19 -0.61 4.77
N ARG A 20 -0.19 -1.74 5.35
CA ARG A 20 0.74 -2.72 5.90
C ARG A 20 1.77 -3.13 4.86
N GLU A 21 1.28 -3.45 3.68
CA GLU A 21 2.10 -3.83 2.56
C GLU A 21 3.02 -2.69 2.13
N ALA A 22 2.42 -1.55 1.85
CA ALA A 22 3.14 -0.39 1.34
C ALA A 22 4.22 0.10 2.29
N GLU A 23 3.85 0.33 3.53
CA GLU A 23 4.77 0.89 4.50
C GLU A 23 5.90 -0.06 4.85
N GLU A 24 5.65 -1.36 4.71
CA GLU A 24 6.69 -2.36 4.88
C GLU A 24 7.67 -2.26 3.70
N ARG A 25 7.11 -2.04 2.51
CA ARG A 25 7.90 -1.90 1.29
C ARG A 25 8.74 -0.63 1.33
N CYS A 26 8.23 0.38 2.00
CA CYS A 26 8.95 1.61 2.16
C CYS A 26 10.15 1.42 3.09
N NH2 A 27 9.91 1.35 4.38
HN1 NH2 A 27 8.98 1.46 4.70
HN2 NH2 A 27 10.67 1.19 4.98
N THR A 1 -8.33 0.05 -2.67
CA THR A 1 -7.65 1.33 -2.55
C THR A 1 -6.18 1.15 -2.90
N CYS A 2 -5.59 2.15 -3.50
CA CYS A 2 -4.20 2.10 -3.88
C CYS A 2 -3.40 3.14 -3.13
N VAL A 3 -2.54 2.69 -2.28
CA VAL A 3 -1.65 3.57 -1.56
C VAL A 3 -0.37 3.69 -2.36
N GLU A 4 0.10 4.89 -2.54
CA GLU A 4 1.23 5.13 -3.39
C GLU A 4 2.42 5.63 -2.58
N CYS A 5 3.37 4.79 -2.38
CA CYS A 5 4.56 5.17 -1.67
C CYS A 5 5.75 5.19 -2.60
N DAL A 6 6.12 6.40 -3.03
CA DAL A 6 7.29 6.60 -3.88
CB DAL A 6 7.49 8.08 -4.21
C DAL A 6 7.34 5.71 -5.16
O DAL A 6 8.34 5.02 -5.39
H DAL A 6 5.59 7.16 -2.75
HA DAL A 6 8.13 6.31 -3.27
HB1 DAL A 6 6.69 8.43 -4.86
HB2 DAL A 6 8.44 8.22 -4.71
HB3 DAL A 6 7.48 8.66 -3.30
N DPR A 7 6.26 5.65 -6.01
CA DPR A 7 6.29 4.81 -7.20
CB DPR A 7 5.30 5.52 -8.12
CG DPR A 7 4.28 6.06 -7.21
CD DPR A 7 4.98 6.40 -5.91
C DPR A 7 5.83 3.38 -6.93
O DPR A 7 5.63 2.59 -7.85
HA DPR A 7 7.27 4.79 -7.66
HB2 DPR A 7 4.88 4.80 -8.81
HB3 DPR A 7 5.82 6.30 -8.67
HG2 DPR A 7 3.50 5.32 -7.03
HG3 DPR A 7 3.84 6.96 -7.64
HD2 DPR A 7 4.41 6.06 -5.06
HD3 DPR A 7 5.16 7.46 -5.85
N VAL A 8 5.67 3.03 -5.67
CA VAL A 8 5.14 1.73 -5.31
C VAL A 8 3.67 1.90 -4.98
N LYS A 9 2.82 1.33 -5.82
CA LYS A 9 1.40 1.44 -5.61
C LYS A 9 0.86 0.13 -5.10
N VAL A 10 0.43 0.12 -3.88
CA VAL A 10 -0.13 -1.06 -3.28
C VAL A 10 -1.64 -0.96 -3.33
N CYS A 11 -2.24 -1.80 -4.14
CA CYS A 11 -3.67 -1.81 -4.28
C CYS A 11 -4.26 -3.00 -3.56
N ARG A 12 -5.07 -2.73 -2.58
CA ARG A 12 -5.72 -3.77 -1.81
C ARG A 12 -7.09 -3.22 -1.41
N PRO A 13 -8.16 -4.06 -1.41
CA PRO A 13 -9.51 -3.61 -1.01
C PRO A 13 -9.57 -3.16 0.45
N ASP A 14 -8.68 -3.69 1.25
CA ASP A 14 -8.61 -3.35 2.65
C ASP A 14 -7.50 -2.34 2.86
N PRO A 15 -7.84 -1.12 3.31
CA PRO A 15 -6.87 -0.02 3.48
C PRO A 15 -5.78 -0.33 4.51
N GLU A 16 -6.14 -1.01 5.58
CA GLU A 16 -5.19 -1.34 6.64
C GLU A 16 -4.13 -2.30 6.09
N GLU A 17 -4.60 -3.28 5.32
CA GLU A 17 -3.74 -4.26 4.67
C GLU A 17 -2.78 -3.55 3.71
N ALA A 18 -3.35 -2.66 2.89
CA ALA A 18 -2.59 -1.89 1.91
C ALA A 18 -1.49 -1.08 2.60
N ARG A 19 -1.84 -0.44 3.69
CA ARG A 19 -0.93 0.38 4.47
C ARG A 19 0.24 -0.47 4.98
N ARG A 20 -0.08 -1.63 5.52
CA ARG A 20 0.93 -2.54 6.04
C ARG A 20 1.88 -2.97 4.93
N GLU A 21 1.30 -3.42 3.82
CA GLU A 21 2.07 -3.88 2.67
C GLU A 21 2.92 -2.76 2.09
N ALA A 22 2.36 -1.56 2.06
CA ALA A 22 3.06 -0.39 1.59
C ALA A 22 4.33 -0.15 2.37
N GLU A 23 4.21 -0.06 3.69
CA GLU A 23 5.37 0.22 4.51
C GLU A 23 6.30 -0.98 4.67
N GLU A 24 5.84 -2.13 4.24
CA GLU A 24 6.67 -3.33 4.22
C GLU A 24 7.67 -3.21 3.07
N ARG A 25 7.30 -2.47 2.05
CA ARG A 25 8.18 -2.21 0.94
C ARG A 25 8.82 -0.83 1.10
N CYS A 26 8.02 0.13 1.44
CA CYS A 26 8.45 1.49 1.60
C CYS A 26 8.69 1.80 3.08
N NH2 A 27 9.90 1.57 3.52
HN1 NH2 A 27 10.57 1.23 2.89
HN2 NH2 A 27 10.09 1.75 4.47
N THR A 1 -8.65 -0.48 -2.76
CA THR A 1 -8.10 0.85 -2.65
C THR A 1 -6.59 0.80 -2.91
N CYS A 2 -6.07 1.83 -3.53
CA CYS A 2 -4.67 1.88 -3.83
C CYS A 2 -4.00 2.95 -3.01
N VAL A 3 -2.86 2.63 -2.46
CA VAL A 3 -2.06 3.57 -1.74
C VAL A 3 -0.71 3.63 -2.43
N GLU A 4 -0.07 4.75 -2.38
CA GLU A 4 1.19 4.92 -3.02
C GLU A 4 2.24 5.32 -2.02
N CYS A 5 3.34 4.64 -2.07
CA CYS A 5 4.44 4.87 -1.19
C CYS A 5 5.72 4.76 -1.98
N DAL A 6 6.40 5.87 -2.17
CA DAL A 6 7.69 5.91 -2.85
CB DAL A 6 8.25 7.33 -2.89
C DAL A 6 7.71 5.24 -4.25
O DAL A 6 8.60 4.44 -4.54
H DAL A 6 6.00 6.71 -1.83
HA DAL A 6 8.36 5.32 -2.24
HB1 DAL A 6 8.24 7.75 -1.89
HB2 DAL A 6 7.63 7.93 -3.54
HB3 DAL A 6 9.26 7.31 -3.26
N DPR A 7 6.72 5.53 -5.17
CA DPR A 7 6.68 4.90 -6.49
CB DPR A 7 5.81 5.86 -7.29
CG DPR A 7 4.83 6.35 -6.30
CD DPR A 7 5.62 6.53 -5.02
C DPR A 7 6.01 3.51 -6.46
O DPR A 7 5.67 2.95 -7.52
HA DPR A 7 7.66 4.82 -6.95
HB2 DPR A 7 5.32 5.33 -8.10
HB3 DPR A 7 6.42 6.65 -7.68
HG2 DPR A 7 4.04 5.63 -6.16
HG3 DPR A 7 4.42 7.30 -6.61
HD2 DPR A 7 5.00 6.29 -4.16
HD3 DPR A 7 6.00 7.53 -4.95
N VAL A 8 5.84 2.98 -5.28
CA VAL A 8 5.19 1.71 -5.13
C VAL A 8 3.69 1.95 -5.01
N LYS A 9 2.96 1.43 -5.96
CA LYS A 9 1.53 1.55 -5.99
C LYS A 9 0.96 0.21 -5.59
N VAL A 10 0.37 0.14 -4.44
CA VAL A 10 -0.18 -1.10 -3.98
C VAL A 10 -1.67 -0.98 -3.74
N CYS A 11 -2.41 -1.93 -4.25
CA CYS A 11 -3.84 -1.92 -4.18
C CYS A 11 -4.33 -3.15 -3.42
N ARG A 12 -5.08 -2.92 -2.38
CA ARG A 12 -5.64 -3.97 -1.55
C ARG A 12 -7.07 -3.57 -1.21
N PRO A 13 -7.96 -4.53 -0.92
CA PRO A 13 -9.35 -4.23 -0.54
C PRO A 13 -9.42 -3.33 0.69
N ASP A 14 -8.77 -3.75 1.75
CA ASP A 14 -8.80 -2.99 2.98
C ASP A 14 -7.63 -2.03 3.02
N PRO A 15 -7.88 -0.77 3.45
CA PRO A 15 -6.85 0.28 3.51
C PRO A 15 -5.72 -0.09 4.46
N GLU A 16 -6.07 -0.84 5.50
CA GLU A 16 -5.10 -1.29 6.50
C GLU A 16 -4.05 -2.18 5.86
N GLU A 17 -4.53 -3.10 5.04
CA GLU A 17 -3.67 -4.05 4.36
C GLU A 17 -2.79 -3.30 3.37
N ALA A 18 -3.41 -2.37 2.65
CA ALA A 18 -2.71 -1.56 1.67
C ALA A 18 -1.57 -0.77 2.33
N ARG A 19 -1.88 -0.16 3.46
CA ARG A 19 -0.89 0.59 4.25
C ARG A 19 0.25 -0.30 4.68
N ARG A 20 -0.08 -1.46 5.22
CA ARG A 20 0.90 -2.41 5.70
C ARG A 20 1.82 -2.85 4.58
N GLU A 21 1.25 -3.16 3.44
CA GLU A 21 2.02 -3.54 2.28
C GLU A 21 2.96 -2.41 1.88
N ALA A 22 2.42 -1.20 1.80
CA ALA A 22 3.17 -0.02 1.41
C ALA A 22 4.39 0.24 2.29
N GLU A 23 4.18 0.24 3.60
CA GLU A 23 5.27 0.52 4.54
C GLU A 23 6.34 -0.56 4.50
N GLU A 24 5.95 -1.79 4.25
CA GLU A 24 6.93 -2.86 4.15
C GLU A 24 7.68 -2.78 2.84
N ARG A 25 7.01 -2.32 1.79
CA ARG A 25 7.66 -2.17 0.49
C ARG A 25 8.69 -1.03 0.58
N CYS A 26 8.32 0.01 1.28
CA CYS A 26 9.17 1.15 1.49
C CYS A 26 10.16 0.91 2.63
N NH2 A 27 11.31 0.38 2.30
HN1 NH2 A 27 11.48 0.18 1.35
HN2 NH2 A 27 11.97 0.21 3.01
N THR A 1 -8.42 1.61 -1.79
CA THR A 1 -8.09 0.63 -2.80
C THR A 1 -6.58 0.58 -3.00
N CYS A 2 -5.97 1.69 -3.36
CA CYS A 2 -4.55 1.69 -3.60
C CYS A 2 -3.87 2.76 -2.76
N VAL A 3 -2.67 2.48 -2.34
CA VAL A 3 -1.86 3.42 -1.65
C VAL A 3 -0.57 3.61 -2.41
N GLU A 4 -0.19 4.82 -2.62
CA GLU A 4 1.01 5.13 -3.31
C GLU A 4 2.11 5.35 -2.30
N CYS A 5 3.11 4.53 -2.33
CA CYS A 5 4.24 4.68 -1.44
C CYS A 5 5.50 4.59 -2.27
N DAL A 6 6.25 5.68 -2.30
CA DAL A 6 7.48 5.76 -3.08
CB DAL A 6 8.15 7.13 -2.93
C DAL A 6 7.27 5.39 -4.58
O DAL A 6 8.07 4.63 -5.12
H DAL A 6 5.97 6.47 -1.78
HA DAL A 6 8.15 5.02 -2.66
HB1 DAL A 6 9.12 7.10 -3.41
HB2 DAL A 6 8.28 7.36 -1.88
HB3 DAL A 6 7.54 7.89 -3.39
N DPR A 7 6.20 5.90 -5.28
CA DPR A 7 5.94 5.54 -6.68
CB DPR A 7 4.99 6.66 -7.17
CG DPR A 7 4.91 7.64 -6.06
CD DPR A 7 5.19 6.87 -4.82
C DPR A 7 5.27 4.16 -6.83
O DPR A 7 4.69 3.84 -7.88
HA DPR A 7 6.86 5.55 -7.26
HB2 DPR A 7 4.02 6.23 -7.39
HB3 DPR A 7 5.40 7.10 -8.07
HG2 DPR A 7 3.92 8.08 -6.02
HG3 DPR A 7 5.66 8.41 -6.20
HD2 DPR A 7 4.30 6.37 -4.48
HD3 DPR A 7 5.59 7.52 -4.04
N VAL A 8 5.31 3.35 -5.79
CA VAL A 8 4.76 2.02 -5.84
C VAL A 8 3.29 2.06 -5.46
N LYS A 9 2.44 1.57 -6.34
CA LYS A 9 1.03 1.49 -6.06
C LYS A 9 0.74 0.13 -5.44
N VAL A 10 0.36 0.15 -4.20
CA VAL A 10 -0.03 -1.07 -3.52
C VAL A 10 -1.54 -1.07 -3.41
N CYS A 11 -2.18 -2.06 -3.97
CA CYS A 11 -3.60 -2.11 -4.00
C CYS A 11 -4.15 -3.29 -3.22
N ARG A 12 -5.13 -3.01 -2.43
CA ARG A 12 -5.80 -3.98 -1.62
C ARG A 12 -7.15 -3.38 -1.26
N PRO A 13 -8.27 -4.14 -1.34
CA PRO A 13 -9.64 -3.65 -0.94
C PRO A 13 -9.68 -3.20 0.53
N ASP A 14 -8.65 -3.56 1.26
CA ASP A 14 -8.48 -3.17 2.63
C ASP A 14 -7.33 -2.18 2.69
N PRO A 15 -7.63 -0.89 2.90
CA PRO A 15 -6.61 0.18 2.88
C PRO A 15 -5.54 0.00 3.96
N GLU A 16 -5.93 -0.56 5.11
CA GLU A 16 -5.00 -0.82 6.19
C GLU A 16 -3.97 -1.84 5.74
N GLU A 17 -4.44 -2.90 5.10
CA GLU A 17 -3.57 -3.96 4.60
C GLU A 17 -2.68 -3.41 3.48
N ALA A 18 -3.25 -2.53 2.66
CA ALA A 18 -2.49 -1.90 1.59
C ALA A 18 -1.34 -1.07 2.16
N ARG A 19 -1.65 -0.23 3.15
CA ARG A 19 -0.65 0.60 3.82
C ARG A 19 0.39 -0.30 4.48
N ARG A 20 -0.09 -1.35 5.12
CA ARG A 20 0.71 -2.36 5.79
C ARG A 20 1.75 -2.96 4.84
N GLU A 21 1.28 -3.39 3.67
CA GLU A 21 2.15 -3.93 2.64
C GLU A 21 3.12 -2.88 2.14
N ALA A 22 2.62 -1.66 1.96
CA ALA A 22 3.43 -0.54 1.48
C ALA A 22 4.58 -0.21 2.43
N GLU A 23 4.26 0.00 3.70
CA GLU A 23 5.26 0.36 4.72
C GLU A 23 6.34 -0.73 4.85
N GLU A 24 5.94 -1.97 4.65
CA GLU A 24 6.84 -3.11 4.77
C GLU A 24 7.81 -3.18 3.56
N ARG A 25 7.49 -2.43 2.53
CA ARG A 25 8.32 -2.40 1.33
C ARG A 25 9.10 -1.09 1.26
N CYS A 26 8.49 -0.03 1.73
CA CYS A 26 9.12 1.28 1.79
C CYS A 26 10.06 1.37 2.99
N NH2 A 27 11.30 1.02 2.79
HN1 NH2 A 27 11.56 0.74 1.88
HN2 NH2 A 27 11.93 1.07 3.55
N THR A 1 -8.63 0.23 -1.52
CA THR A 1 -8.36 0.37 -2.93
C THR A 1 -6.84 0.43 -3.20
N CYS A 2 -6.22 1.60 -3.17
CA CYS A 2 -4.81 1.71 -3.50
C CYS A 2 -4.12 2.75 -2.62
N VAL A 3 -2.92 2.43 -2.20
CA VAL A 3 -2.08 3.34 -1.45
C VAL A 3 -0.79 3.53 -2.22
N GLU A 4 -0.17 4.67 -2.09
CA GLU A 4 1.04 4.95 -2.84
C GLU A 4 2.13 5.49 -1.93
N CYS A 5 3.22 4.76 -1.86
CA CYS A 5 4.36 5.14 -1.06
C CYS A 5 5.57 5.19 -1.95
N DAL A 6 6.04 6.39 -2.27
CA DAL A 6 7.25 6.59 -3.08
CB DAL A 6 7.52 8.07 -3.35
C DAL A 6 7.29 5.74 -4.39
O DAL A 6 8.23 4.98 -4.59
H DAL A 6 5.55 7.18 -1.95
HA DAL A 6 8.06 6.23 -2.47
HB1 DAL A 6 8.49 8.19 -3.80
HB2 DAL A 6 7.48 8.63 -2.42
HB3 DAL A 6 6.77 8.47 -4.02
N DPR A 7 6.24 5.81 -5.28
CA DPR A 7 6.23 5.03 -6.53
CB DPR A 7 5.28 5.83 -7.42
CG DPR A 7 4.28 6.38 -6.46
CD DPR A 7 5.02 6.65 -5.18
C DPR A 7 5.69 3.60 -6.35
O DPR A 7 5.36 2.92 -7.35
HA DPR A 7 7.21 4.99 -6.99
HB2 DPR A 7 4.83 5.19 -8.14
HB3 DPR A 7 5.83 6.63 -7.90
HG2 DPR A 7 3.49 5.65 -6.30
HG3 DPR A 7 3.87 7.29 -6.85
HD2 DPR A 7 4.42 6.36 -4.32
HD3 DPR A 7 5.26 7.70 -5.12
N VAL A 8 5.60 3.17 -5.12
CA VAL A 8 5.07 1.86 -4.81
C VAL A 8 3.56 1.99 -4.62
N LYS A 9 2.81 1.46 -5.55
CA LYS A 9 1.37 1.50 -5.52
C LYS A 9 0.87 0.12 -5.13
N VAL A 10 0.22 0.05 -4.00
CA VAL A 10 -0.31 -1.21 -3.52
C VAL A 10 -1.81 -1.14 -3.50
N CYS A 11 -2.44 -2.02 -4.24
CA CYS A 11 -3.85 -2.04 -4.32
C CYS A 11 -4.45 -3.27 -3.64
N ARG A 12 -5.15 -3.01 -2.55
CA ARG A 12 -5.82 -4.02 -1.74
C ARG A 12 -7.17 -3.46 -1.40
N PRO A 13 -8.20 -4.30 -1.20
CA PRO A 13 -9.54 -3.84 -0.85
C PRO A 13 -9.48 -2.97 0.41
N ASP A 14 -8.75 -3.46 1.38
CA ASP A 14 -8.55 -2.76 2.63
C ASP A 14 -7.35 -1.83 2.49
N PRO A 15 -7.58 -0.51 2.60
CA PRO A 15 -6.51 0.50 2.47
C PRO A 15 -5.39 0.32 3.51
N GLU A 16 -5.78 -0.02 4.73
CA GLU A 16 -4.83 -0.21 5.80
C GLU A 16 -4.00 -1.48 5.59
N GLU A 17 -4.62 -2.48 4.97
CA GLU A 17 -3.94 -3.72 4.60
C GLU A 17 -2.87 -3.39 3.59
N ALA A 18 -3.26 -2.59 2.60
CA ALA A 18 -2.36 -2.15 1.56
C ALA A 18 -1.23 -1.34 2.15
N ARG A 19 -1.59 -0.41 3.04
CA ARG A 19 -0.64 0.46 3.72
C ARG A 19 0.42 -0.36 4.45
N ARG A 20 0.00 -1.41 5.12
CA ARG A 20 0.91 -2.24 5.89
C ARG A 20 1.99 -2.88 5.03
N GLU A 21 1.59 -3.54 3.95
CA GLU A 21 2.57 -4.18 3.10
C GLU A 21 3.34 -3.14 2.27
N ALA A 22 2.71 -2.01 2.03
CA ALA A 22 3.35 -0.89 1.34
C ALA A 22 4.51 -0.39 2.16
N GLU A 23 4.24 -0.01 3.41
CA GLU A 23 5.28 0.51 4.32
C GLU A 23 6.40 -0.51 4.53
N GLU A 24 6.04 -1.77 4.47
CA GLU A 24 6.96 -2.86 4.65
C GLU A 24 8.00 -2.91 3.50
N ARG A 25 7.56 -2.69 2.29
CA ARG A 25 8.44 -2.79 1.13
C ARG A 25 8.93 -1.43 0.64
N CYS A 26 8.25 -0.39 1.08
CA CYS A 26 8.61 0.98 0.73
C CYS A 26 9.77 1.46 1.61
N NH2 A 27 9.52 1.64 2.89
HN1 NH2 A 27 8.62 1.48 3.23
HN2 NH2 A 27 10.26 1.95 3.46
N THR A 1 -8.08 2.10 -1.14
CA THR A 1 -7.77 0.89 -1.87
C THR A 1 -6.31 0.92 -2.38
N CYS A 2 -5.92 2.01 -3.01
CA CYS A 2 -4.57 2.14 -3.51
C CYS A 2 -3.83 3.26 -2.83
N VAL A 3 -2.62 2.98 -2.45
CA VAL A 3 -1.73 3.95 -1.88
C VAL A 3 -0.39 3.89 -2.60
N GLU A 4 0.10 5.02 -3.01
CA GLU A 4 1.34 5.08 -3.72
C GLU A 4 2.41 5.64 -2.81
N CYS A 5 3.33 4.83 -2.43
CA CYS A 5 4.39 5.24 -1.58
C CYS A 5 5.71 5.00 -2.25
N DAL A 6 6.41 6.07 -2.59
CA DAL A 6 7.75 6.00 -3.20
CB DAL A 6 8.28 7.39 -3.54
C DAL A 6 7.86 5.02 -4.40
O DAL A 6 8.74 4.16 -4.39
H DAL A 6 6.01 6.95 -2.42
HA DAL A 6 8.38 5.60 -2.43
HB1 DAL A 6 7.72 7.80 -4.36
HB2 DAL A 6 9.32 7.31 -3.80
HB3 DAL A 6 8.19 8.03 -2.67
N DPR A 7 6.97 5.09 -5.44
CA DPR A 7 7.05 4.17 -6.58
CB DPR A 7 6.38 4.96 -7.70
CG DPR A 7 5.32 5.76 -7.01
CD DPR A 7 5.84 6.04 -5.63
C DPR A 7 6.30 2.84 -6.33
O DPR A 7 6.01 2.10 -7.26
HA DPR A 7 8.08 3.96 -6.85
HB2 DPR A 7 5.95 4.29 -8.42
HB3 DPR A 7 7.11 5.59 -8.18
HG2 DPR A 7 4.41 5.19 -6.96
HG3 DPR A 7 5.17 6.69 -7.55
HD2 DPR A 7 5.07 5.85 -4.89
HD3 DPR A 7 6.19 7.06 -5.54
N VAL A 8 6.00 2.56 -5.09
CA VAL A 8 5.29 1.36 -4.74
C VAL A 8 3.81 1.67 -4.58
N LYS A 9 3.03 1.19 -5.49
CA LYS A 9 1.60 1.38 -5.45
C LYS A 9 0.93 0.11 -4.97
N VAL A 10 0.41 0.16 -3.78
CA VAL A 10 -0.24 -0.99 -3.20
C VAL A 10 -1.73 -0.85 -3.31
N CYS A 11 -2.36 -1.81 -3.90
CA CYS A 11 -3.78 -1.82 -4.04
C CYS A 11 -4.36 -3.05 -3.40
N ARG A 12 -5.09 -2.85 -2.34
CA ARG A 12 -5.77 -3.91 -1.63
C ARG A 12 -7.17 -3.42 -1.34
N PRO A 13 -8.18 -4.30 -1.37
CA PRO A 13 -9.58 -3.93 -1.05
C PRO A 13 -9.72 -3.47 0.42
N ASP A 14 -8.73 -3.81 1.21
CA ASP A 14 -8.67 -3.43 2.59
C ASP A 14 -7.60 -2.37 2.75
N PRO A 15 -7.95 -1.21 3.33
CA PRO A 15 -7.00 -0.11 3.53
C PRO A 15 -5.86 -0.52 4.47
N GLU A 16 -6.20 -1.39 5.41
CA GLU A 16 -5.27 -1.89 6.39
C GLU A 16 -4.16 -2.69 5.73
N GLU A 17 -4.55 -3.63 4.90
CA GLU A 17 -3.63 -4.51 4.20
C GLU A 17 -2.76 -3.69 3.26
N ALA A 18 -3.38 -2.70 2.64
CA ALA A 18 -2.70 -1.81 1.72
C ALA A 18 -1.60 -1.03 2.44
N ARG A 19 -1.94 -0.44 3.59
CA ARG A 19 -0.98 0.34 4.36
C ARG A 19 0.17 -0.53 4.82
N ARG A 20 -0.16 -1.75 5.24
CA ARG A 20 0.83 -2.72 5.71
C ARG A 20 1.90 -2.94 4.64
N GLU A 21 1.46 -3.36 3.45
CA GLU A 21 2.38 -3.64 2.34
C GLU A 21 3.08 -2.38 1.88
N ALA A 22 2.38 -1.26 1.95
CA ALA A 22 2.90 0.02 1.53
C ALA A 22 4.15 0.37 2.29
N GLU A 23 4.05 0.49 3.60
CA GLU A 23 5.20 0.89 4.39
C GLU A 23 6.24 -0.22 4.52
N GLU A 24 5.85 -1.44 4.20
CA GLU A 24 6.74 -2.57 4.24
C GLU A 24 7.72 -2.52 3.07
N ARG A 25 7.18 -2.26 1.89
CA ARG A 25 7.99 -2.23 0.68
C ARG A 25 8.43 -0.82 0.29
N CYS A 26 7.83 0.16 0.89
CA CYS A 26 8.21 1.54 0.68
C CYS A 26 9.12 1.99 1.82
N NH2 A 27 8.53 2.32 2.96
HN1 NH2 A 27 7.55 2.28 3.02
HN2 NH2 A 27 9.09 2.58 3.71
N THR A 1 -8.29 0.42 -1.14
CA THR A 1 -8.17 0.65 -2.56
C THR A 1 -6.71 0.64 -3.00
N CYS A 2 -6.09 1.82 -3.08
CA CYS A 2 -4.71 1.91 -3.50
C CYS A 2 -3.98 3.00 -2.75
N VAL A 3 -2.73 2.74 -2.45
CA VAL A 3 -1.84 3.70 -1.86
C VAL A 3 -0.57 3.72 -2.68
N GLU A 4 -0.03 4.86 -2.89
CA GLU A 4 1.17 4.99 -3.66
C GLU A 4 2.30 5.43 -2.77
N CYS A 5 3.17 4.51 -2.50
CA CYS A 5 4.25 4.77 -1.60
C CYS A 5 5.55 4.84 -2.38
N DAL A 6 6.04 6.05 -2.55
CA DAL A 6 7.28 6.29 -3.28
CB DAL A 6 7.62 7.79 -3.31
C DAL A 6 7.28 5.68 -4.71
O DAL A 6 8.22 4.98 -5.06
H DAL A 6 5.56 6.82 -2.15
HA DAL A 6 8.06 5.79 -2.72
HB1 DAL A 6 8.62 7.91 -3.73
HB2 DAL A 6 7.62 8.16 -2.30
HB3 DAL A 6 6.91 8.32 -3.91
N DPR A 7 6.22 5.88 -5.55
CA DPR A 7 6.17 5.26 -6.88
CB DPR A 7 5.20 6.15 -7.63
CG DPR A 7 4.23 6.60 -6.61
CD DPR A 7 5.02 6.76 -5.33
C DPR A 7 5.65 3.81 -6.82
O DPR A 7 5.22 3.26 -7.85
HA DPR A 7 7.15 5.27 -7.35
HB2 DPR A 7 4.72 5.59 -8.41
HB3 DPR A 7 5.74 6.99 -8.06
HG2 DPR A 7 3.48 5.84 -6.48
HG3 DPR A 7 3.78 7.53 -6.89
HD2 DPR A 7 4.46 6.42 -4.48
HD3 DPR A 7 5.33 7.79 -5.20
N VAL A 8 5.68 3.19 -5.65
CA VAL A 8 5.18 1.84 -5.52
C VAL A 8 3.66 1.86 -5.44
N LYS A 9 3.05 1.23 -6.41
CA LYS A 9 1.62 1.17 -6.54
C LYS A 9 1.10 0.02 -5.69
N VAL A 10 0.57 0.33 -4.55
CA VAL A 10 0.08 -0.70 -3.66
C VAL A 10 -1.44 -0.69 -3.66
N CYS A 11 -2.03 -1.72 -4.20
CA CYS A 11 -3.45 -1.85 -4.22
C CYS A 11 -3.90 -3.05 -3.41
N ARG A 12 -4.94 -2.85 -2.63
CA ARG A 12 -5.48 -3.83 -1.72
C ARG A 12 -6.85 -3.30 -1.28
N PRO A 13 -7.89 -4.18 -1.18
CA PRO A 13 -9.23 -3.76 -0.74
C PRO A 13 -9.20 -3.01 0.60
N ASP A 14 -8.65 -3.63 1.62
CA ASP A 14 -8.52 -2.98 2.92
C ASP A 14 -7.39 -2.00 2.87
N PRO A 15 -7.64 -0.75 3.26
CA PRO A 15 -6.61 0.27 3.28
C PRO A 15 -5.54 -0.04 4.31
N GLU A 16 -5.93 -0.76 5.35
CA GLU A 16 -5.01 -1.15 6.39
C GLU A 16 -4.07 -2.23 5.89
N GLU A 17 -4.59 -3.14 5.08
CA GLU A 17 -3.74 -4.14 4.48
C GLU A 17 -2.86 -3.50 3.42
N ALA A 18 -3.39 -2.47 2.76
CA ALA A 18 -2.64 -1.69 1.78
C ALA A 18 -1.47 -1.00 2.46
N ARG A 19 -1.76 -0.28 3.54
CA ARG A 19 -0.72 0.41 4.30
C ARG A 19 0.28 -0.57 4.85
N ARG A 20 -0.21 -1.74 5.30
CA ARG A 20 0.63 -2.79 5.87
C ARG A 20 1.75 -3.17 4.91
N GLU A 21 1.39 -3.47 3.68
CA GLU A 21 2.38 -3.87 2.70
C GLU A 21 3.12 -2.68 2.11
N ALA A 22 2.47 -1.52 2.07
CA ALA A 22 3.12 -0.30 1.60
C ALA A 22 4.27 0.04 2.51
N GLU A 23 4.01 0.02 3.79
CA GLU A 23 5.01 0.29 4.80
C GLU A 23 6.07 -0.80 4.81
N GLU A 24 5.67 -2.03 4.49
CA GLU A 24 6.59 -3.14 4.43
C GLU A 24 7.55 -2.94 3.25
N ARG A 25 7.00 -2.56 2.10
CA ARG A 25 7.79 -2.32 0.91
C ARG A 25 8.63 -1.05 1.03
N CYS A 26 8.13 -0.10 1.75
CA CYS A 26 8.84 1.15 1.96
C CYS A 26 9.68 1.09 3.23
N NH2 A 27 9.15 1.57 4.34
HN1 NH2 A 27 8.25 1.95 4.31
HN2 NH2 A 27 9.68 1.51 5.16
N THR A 1 -8.09 1.77 -1.44
CA THR A 1 -7.76 0.51 -2.07
C THR A 1 -6.29 0.53 -2.55
N CYS A 2 -5.94 1.49 -3.38
CA CYS A 2 -4.59 1.60 -3.86
C CYS A 2 -3.88 2.77 -3.22
N VAL A 3 -2.92 2.46 -2.41
CA VAL A 3 -2.08 3.46 -1.79
C VAL A 3 -0.83 3.58 -2.61
N GLU A 4 -0.11 4.65 -2.47
CA GLU A 4 1.06 4.83 -3.25
C GLU A 4 2.18 5.26 -2.33
N CYS A 5 3.23 4.50 -2.31
CA CYS A 5 4.34 4.76 -1.43
C CYS A 5 5.63 4.67 -2.23
N DAL A 6 6.34 5.77 -2.29
CA DAL A 6 7.62 5.84 -3.01
CB DAL A 6 8.27 7.22 -2.84
C DAL A 6 7.53 5.41 -4.50
O DAL A 6 8.35 4.61 -4.95
H DAL A 6 5.98 6.58 -1.86
HA DAL A 6 8.27 5.12 -2.51
HB1 DAL A 6 8.32 7.48 -1.80
HB2 DAL A 6 7.70 7.97 -3.38
HB3 DAL A 6 9.28 7.19 -3.24
N DPR A 7 6.53 5.90 -5.30
CA DPR A 7 6.37 5.49 -6.70
CB DPR A 7 5.43 6.55 -7.30
CG DPR A 7 5.26 7.59 -6.25
CD DPR A 7 5.50 6.90 -4.95
C DPR A 7 5.77 4.08 -6.86
O DPR A 7 5.50 3.63 -7.97
HA DPR A 7 7.32 5.52 -7.22
HB2 DPR A 7 4.48 6.08 -7.54
HB3 DPR A 7 5.87 6.96 -8.19
HG2 DPR A 7 4.26 7.99 -6.28
HG3 DPR A 7 5.99 8.38 -6.39
HD2 DPR A 7 4.62 6.42 -4.58
HD3 DPR A 7 5.88 7.60 -4.22
N VAL A 8 5.56 3.39 -5.75
CA VAL A 8 5.02 2.05 -5.79
C VAL A 8 3.55 2.08 -5.39
N LYS A 9 2.71 1.65 -6.28
CA LYS A 9 1.29 1.59 -6.01
C LYS A 9 0.96 0.22 -5.41
N VAL A 10 0.30 0.23 -4.30
CA VAL A 10 -0.07 -0.98 -3.61
C VAL A 10 -1.58 -1.07 -3.53
N CYS A 11 -2.13 -2.10 -4.11
CA CYS A 11 -3.57 -2.25 -4.16
C CYS A 11 -4.02 -3.44 -3.34
N ARG A 12 -4.73 -3.17 -2.27
CA ARG A 12 -5.27 -4.19 -1.40
C ARG A 12 -6.71 -3.80 -1.10
N PRO A 13 -7.60 -4.76 -0.71
CA PRO A 13 -9.02 -4.47 -0.46
C PRO A 13 -9.24 -3.37 0.59
N ASP A 14 -8.67 -3.55 1.75
CA ASP A 14 -8.78 -2.54 2.80
C ASP A 14 -7.57 -1.66 2.80
N PRO A 15 -7.74 -0.37 3.15
CA PRO A 15 -6.64 0.60 3.19
C PRO A 15 -5.58 0.20 4.20
N GLU A 16 -6.00 -0.51 5.24
CA GLU A 16 -5.15 -0.97 6.29
C GLU A 16 -4.11 -1.95 5.73
N GLU A 17 -4.59 -2.95 4.99
CA GLU A 17 -3.71 -3.95 4.35
C GLU A 17 -2.86 -3.30 3.30
N ALA A 18 -3.43 -2.33 2.61
CA ALA A 18 -2.71 -1.60 1.58
C ALA A 18 -1.53 -0.87 2.19
N ARG A 19 -1.80 -0.19 3.30
CA ARG A 19 -0.79 0.51 4.05
C ARG A 19 0.27 -0.46 4.57
N ARG A 20 -0.19 -1.57 5.12
CA ARG A 20 0.66 -2.60 5.70
C ARG A 20 1.72 -3.05 4.68
N GLU A 21 1.25 -3.40 3.50
CA GLU A 21 2.09 -3.85 2.42
C GLU A 21 2.98 -2.72 1.88
N ALA A 22 2.44 -1.51 1.88
CA ALA A 22 3.18 -0.33 1.43
C ALA A 22 4.34 -0.04 2.35
N GLU A 23 4.10 -0.07 3.65
CA GLU A 23 5.14 0.21 4.62
C GLU A 23 6.13 -0.95 4.71
N GLU A 24 5.70 -2.11 4.25
CA GLU A 24 6.57 -3.26 4.13
C GLU A 24 7.54 -3.02 2.97
N ARG A 25 7.02 -2.37 1.94
CA ARG A 25 7.77 -2.02 0.75
C ARG A 25 8.70 -0.85 1.05
N CYS A 26 8.18 0.14 1.71
CA CYS A 26 8.94 1.31 2.08
C CYS A 26 9.60 1.10 3.45
N NH2 A 27 10.71 0.40 3.46
HN1 NH2 A 27 11.04 0.06 2.59
HN2 NH2 A 27 11.16 0.23 4.31
N THR A 1 -8.36 1.97 -2.23
CA THR A 1 -8.10 0.83 -3.08
C THR A 1 -6.57 0.63 -3.26
N CYS A 2 -5.85 1.69 -3.54
CA CYS A 2 -4.43 1.60 -3.72
C CYS A 2 -3.75 2.68 -2.93
N VAL A 3 -2.70 2.33 -2.26
CA VAL A 3 -1.91 3.31 -1.55
C VAL A 3 -0.59 3.43 -2.28
N GLU A 4 -0.13 4.62 -2.45
CA GLU A 4 1.08 4.83 -3.19
C GLU A 4 2.21 5.19 -2.27
N CYS A 5 3.20 4.37 -2.25
CA CYS A 5 4.36 4.60 -1.46
C CYS A 5 5.55 4.85 -2.37
N DAL A 6 5.90 6.11 -2.53
CA DAL A 6 7.05 6.52 -3.33
CB DAL A 6 7.26 8.03 -3.28
C DAL A 6 7.03 5.98 -4.79
O DAL A 6 8.01 5.37 -5.22
H DAL A 6 5.34 6.81 -2.12
HA DAL A 6 7.91 6.07 -2.85
HB1 DAL A 6 8.20 8.28 -3.75
HB2 DAL A 6 7.27 8.36 -2.26
HB3 DAL A 6 6.45 8.53 -3.82
N DPR A 7 5.92 6.13 -5.57
CA DPR A 7 5.87 5.60 -6.93
CB DPR A 7 4.88 6.55 -7.62
CG DPR A 7 3.91 6.90 -6.55
CD DPR A 7 4.67 6.87 -5.24
C DPR A 7 5.35 4.16 -6.99
O DPR A 7 4.98 3.66 -8.06
HA DPR A 7 6.83 5.66 -7.41
HB2 DPR A 7 4.40 6.05 -8.44
HB3 DPR A 7 5.41 7.42 -7.98
HG2 DPR A 7 3.11 6.18 -6.53
HG3 DPR A 7 3.51 7.89 -6.73
HD2 DPR A 7 4.11 6.36 -4.48
HD3 DPR A 7 4.89 7.88 -4.93
N VAL A 8 5.33 3.49 -5.86
CA VAL A 8 4.85 2.12 -5.82
C VAL A 8 3.40 2.12 -5.35
N LYS A 9 2.49 1.74 -6.21
CA LYS A 9 1.12 1.70 -5.81
C LYS A 9 0.74 0.29 -5.36
N VAL A 10 0.40 0.19 -4.13
CA VAL A 10 0.01 -1.07 -3.56
C VAL A 10 -1.51 -1.13 -3.53
N CYS A 11 -2.05 -1.87 -4.43
CA CYS A 11 -3.45 -2.05 -4.52
C CYS A 11 -3.92 -3.23 -3.69
N ARG A 12 -4.71 -2.92 -2.70
CA ARG A 12 -5.27 -3.87 -1.80
C ARG A 12 -6.55 -3.24 -1.27
N PRO A 13 -7.71 -3.89 -1.46
CA PRO A 13 -9.04 -3.36 -1.07
C PRO A 13 -9.08 -2.79 0.35
N ASP A 14 -8.53 -3.52 1.31
CA ASP A 14 -8.49 -3.05 2.68
C ASP A 14 -7.37 -2.04 2.83
N PRO A 15 -7.71 -0.77 3.17
CA PRO A 15 -6.73 0.34 3.20
C PRO A 15 -5.59 0.14 4.19
N GLU A 16 -5.88 -0.43 5.33
CA GLU A 16 -4.88 -0.64 6.33
C GLU A 16 -3.99 -1.81 5.94
N GLU A 17 -4.56 -2.82 5.30
CA GLU A 17 -3.77 -3.94 4.79
C GLU A 17 -2.86 -3.46 3.69
N ALA A 18 -3.37 -2.55 2.87
CA ALA A 18 -2.59 -1.93 1.81
C ALA A 18 -1.39 -1.23 2.41
N ARG A 19 -1.65 -0.40 3.42
CA ARG A 19 -0.61 0.33 4.16
C ARG A 19 0.40 -0.64 4.78
N ARG A 20 -0.13 -1.63 5.45
CA ARG A 20 0.63 -2.64 6.17
C ARG A 20 1.69 -3.32 5.28
N GLU A 21 1.28 -3.75 4.11
CA GLU A 21 2.21 -4.39 3.20
C GLU A 21 3.03 -3.35 2.42
N ALA A 22 2.49 -2.15 2.27
CA ALA A 22 3.17 -1.07 1.56
C ALA A 22 4.36 -0.56 2.34
N GLU A 23 4.13 -0.12 3.57
CA GLU A 23 5.18 0.52 4.37
C GLU A 23 6.31 -0.44 4.73
N GLU A 24 6.02 -1.73 4.73
CA GLU A 24 7.02 -2.74 5.02
C GLU A 24 7.98 -2.89 3.84
N ARG A 25 7.46 -2.66 2.66
CA ARG A 25 8.25 -2.81 1.45
C ARG A 25 8.77 -1.47 0.95
N CYS A 26 8.04 -0.42 1.23
CA CYS A 26 8.47 0.92 0.89
C CYS A 26 9.13 1.57 2.10
N NH2 A 27 10.39 1.27 2.31
HN1 NH2 A 27 10.83 0.66 1.69
HN2 NH2 A 27 10.84 1.67 3.08
N THR A 1 -8.47 -0.44 -2.51
CA THR A 1 -7.86 0.82 -2.22
C THR A 1 -6.40 0.78 -2.66
N CYS A 2 -5.99 1.73 -3.47
CA CYS A 2 -4.63 1.81 -3.92
C CYS A 2 -3.91 2.90 -3.17
N VAL A 3 -2.97 2.50 -2.36
CA VAL A 3 -2.17 3.44 -1.61
C VAL A 3 -0.77 3.45 -2.20
N GLU A 4 -0.09 4.54 -2.06
CA GLU A 4 1.19 4.67 -2.67
C GLU A 4 2.21 5.22 -1.67
N CYS A 5 3.38 4.64 -1.67
CA CYS A 5 4.46 5.11 -0.83
C CYS A 5 5.78 4.71 -1.48
N DAL A 6 6.67 5.67 -1.61
CA DAL A 6 8.02 5.47 -2.17
CB DAL A 6 8.80 6.77 -2.15
C DAL A 6 8.03 4.82 -3.57
O DAL A 6 8.82 3.90 -3.80
H DAL A 6 6.43 6.57 -1.32
HA DAL A 6 8.51 4.78 -1.50
HB1 DAL A 6 8.37 7.47 -2.85
HB2 DAL A 6 9.82 6.57 -2.42
HB3 DAL A 6 8.77 7.19 -1.16
N DPR A 7 7.20 5.27 -4.56
CA DPR A 7 7.16 4.63 -5.88
CB DPR A 7 6.43 5.64 -6.75
CG DPR A 7 5.59 6.42 -5.82
CD DPR A 7 6.31 6.45 -4.51
C DPR A 7 6.44 3.27 -5.87
O DPR A 7 6.35 2.59 -6.90
HA DPR A 7 8.15 4.48 -6.27
HB2 DPR A 7 5.83 5.11 -7.49
HB3 DPR A 7 7.15 6.26 -7.26
HG2 DPR A 7 4.63 5.95 -5.71
HG3 DPR A 7 5.47 7.42 -6.20
HD2 DPR A 7 5.61 6.38 -3.70
HD3 DPR A 7 6.88 7.36 -4.43
N VAL A 8 5.94 2.86 -4.72
CA VAL A 8 5.25 1.61 -4.61
C VAL A 8 3.76 1.86 -4.45
N LYS A 9 2.99 1.27 -5.32
CA LYS A 9 1.55 1.40 -5.32
C LYS A 9 0.92 0.03 -5.07
N VAL A 10 0.28 -0.15 -3.94
CA VAL A 10 -0.35 -1.42 -3.62
C VAL A 10 -1.86 -1.23 -3.54
N CYS A 11 -2.58 -2.15 -4.14
CA CYS A 11 -4.01 -2.08 -4.17
C CYS A 11 -4.59 -3.28 -3.42
N ARG A 12 -5.21 -3.00 -2.31
CA ARG A 12 -5.81 -4.02 -1.48
C ARG A 12 -7.15 -3.44 -0.99
N PRO A 13 -8.23 -4.27 -0.89
CA PRO A 13 -9.56 -3.81 -0.43
C PRO A 13 -9.52 -3.06 0.90
N ASP A 14 -8.71 -3.53 1.81
CA ASP A 14 -8.54 -2.85 3.07
C ASP A 14 -7.40 -1.87 2.97
N PRO A 15 -7.66 -0.56 3.22
CA PRO A 15 -6.62 0.48 3.15
C PRO A 15 -5.49 0.20 4.13
N GLU A 16 -5.86 -0.42 5.24
CA GLU A 16 -4.95 -0.81 6.29
C GLU A 16 -3.95 -1.82 5.75
N GLU A 17 -4.47 -2.91 5.20
CA GLU A 17 -3.64 -3.97 4.68
C GLU A 17 -2.86 -3.51 3.45
N ALA A 18 -3.46 -2.60 2.69
CA ALA A 18 -2.80 -2.01 1.54
C ALA A 18 -1.55 -1.28 1.99
N ARG A 19 -1.70 -0.47 3.04
CA ARG A 19 -0.58 0.26 3.62
C ARG A 19 0.44 -0.66 4.21
N ARG A 20 0.00 -1.73 4.83
CA ARG A 20 0.88 -2.69 5.47
C ARG A 20 1.86 -3.29 4.45
N GLU A 21 1.39 -3.44 3.23
CA GLU A 21 2.24 -3.92 2.15
C GLU A 21 3.02 -2.76 1.51
N ALA A 22 2.33 -1.65 1.24
CA ALA A 22 2.94 -0.49 0.59
C ALA A 22 4.04 0.12 1.42
N GLU A 23 3.79 0.39 2.68
CA GLU A 23 4.75 1.04 3.55
C GLU A 23 5.94 0.13 3.85
N GLU A 24 5.72 -1.16 3.76
CA GLU A 24 6.77 -2.14 3.98
C GLU A 24 7.72 -2.15 2.79
N ARG A 25 7.19 -1.93 1.62
CA ARG A 25 7.98 -1.88 0.41
C ARG A 25 8.56 -0.49 0.24
N CYS A 26 7.87 0.47 0.81
CA CYS A 26 8.27 1.86 0.81
C CYS A 26 9.53 2.03 1.67
N NH2 A 27 9.39 1.93 2.97
HN1 NH2 A 27 8.50 1.76 3.34
HN2 NH2 A 27 10.19 2.03 3.53
N THR A 1 -8.27 2.31 -1.95
CA THR A 1 -7.85 0.92 -1.95
C THR A 1 -6.44 0.77 -2.52
N CYS A 2 -5.94 1.82 -3.14
CA CYS A 2 -4.60 1.81 -3.67
C CYS A 2 -3.79 2.90 -3.04
N VAL A 3 -2.72 2.52 -2.39
CA VAL A 3 -1.84 3.46 -1.75
C VAL A 3 -0.53 3.49 -2.52
N GLU A 4 0.00 4.68 -2.72
CA GLU A 4 1.20 4.87 -3.49
C GLU A 4 2.24 5.58 -2.63
N CYS A 5 3.22 4.84 -2.22
CA CYS A 5 4.25 5.35 -1.34
C CYS A 5 5.60 5.14 -1.98
N DAL A 6 6.27 6.23 -2.31
CA DAL A 6 7.60 6.19 -2.90
CB DAL A 6 8.13 7.61 -3.15
C DAL A 6 7.72 5.30 -4.17
O DAL A 6 8.66 4.53 -4.29
H DAL A 6 5.85 7.09 -2.13
HA DAL A 6 8.24 5.74 -2.15
HB1 DAL A 6 8.02 8.19 -2.25
HB2 DAL A 6 7.58 8.06 -3.95
HB3 DAL A 6 9.17 7.55 -3.41
N DPR A 7 6.76 5.38 -5.16
CA DPR A 7 6.81 4.52 -6.33
CB DPR A 7 5.99 5.29 -7.39
CG DPR A 7 5.56 6.57 -6.72
CD DPR A 7 5.64 6.31 -5.25
C DPR A 7 6.17 3.14 -6.08
O DPR A 7 5.90 2.40 -7.01
HA DPR A 7 7.83 4.39 -6.68
HB2 DPR A 7 5.14 4.69 -7.68
HB3 DPR A 7 6.61 5.49 -8.26
HG2 DPR A 7 4.55 6.82 -7.02
HG3 DPR A 7 6.24 7.37 -7.00
HD2 DPR A 7 4.72 5.85 -4.90
HD3 DPR A 7 5.83 7.23 -4.71
N VAL A 8 5.96 2.81 -4.83
CA VAL A 8 5.35 1.55 -4.47
C VAL A 8 3.86 1.75 -4.35
N LYS A 9 3.15 1.20 -5.27
CA LYS A 9 1.73 1.30 -5.26
C LYS A 9 1.12 -0.06 -5.16
N VAL A 10 0.37 -0.24 -4.13
CA VAL A 10 -0.26 -1.49 -3.84
C VAL A 10 -1.74 -1.29 -3.68
N CYS A 11 -2.50 -2.27 -4.10
CA CYS A 11 -3.93 -2.21 -4.03
C CYS A 11 -4.44 -3.38 -3.22
N ARG A 12 -5.35 -3.12 -2.32
CA ARG A 12 -5.92 -4.12 -1.48
C ARG A 12 -7.29 -3.61 -1.01
N PRO A 13 -8.30 -4.50 -0.83
CA PRO A 13 -9.65 -4.11 -0.37
C PRO A 13 -9.64 -3.13 0.82
N ASP A 14 -8.84 -3.40 1.83
CA ASP A 14 -8.76 -2.49 2.96
C ASP A 14 -7.51 -1.64 2.88
N PRO A 15 -7.63 -0.32 3.16
CA PRO A 15 -6.50 0.63 3.11
C PRO A 15 -5.35 0.18 4.02
N GLU A 16 -5.69 -0.34 5.18
CA GLU A 16 -4.72 -0.80 6.15
C GLU A 16 -3.98 -2.04 5.64
N GLU A 17 -4.68 -2.90 4.94
CA GLU A 17 -4.11 -4.13 4.45
C GLU A 17 -3.23 -3.80 3.25
N ALA A 18 -3.58 -2.72 2.55
CA ALA A 18 -2.77 -2.21 1.46
C ALA A 18 -1.51 -1.61 2.05
N ARG A 19 -1.68 -0.84 3.12
CA ARG A 19 -0.56 -0.22 3.81
C ARG A 19 0.39 -1.24 4.38
N ARG A 20 -0.13 -2.41 4.73
CA ARG A 20 0.70 -3.53 5.20
C ARG A 20 1.87 -3.77 4.23
N GLU A 21 1.53 -3.72 2.96
CA GLU A 21 2.48 -3.93 1.89
C GLU A 21 3.27 -2.63 1.64
N ALA A 22 2.55 -1.51 1.65
CA ALA A 22 3.12 -0.21 1.38
C ALA A 22 4.21 0.18 2.37
N GLU A 23 3.89 0.15 3.66
CA GLU A 23 4.81 0.58 4.73
C GLU A 23 6.08 -0.26 4.70
N GLU A 24 5.91 -1.51 4.34
CA GLU A 24 6.95 -2.49 4.31
C GLU A 24 7.88 -2.30 3.09
N ARG A 25 7.31 -1.93 1.97
CA ARG A 25 8.09 -1.79 0.73
C ARG A 25 8.46 -0.33 0.42
N CYS A 26 7.92 0.59 1.19
CA CYS A 26 8.23 2.00 1.01
C CYS A 26 9.32 2.42 1.96
N NH2 A 27 10.54 2.43 1.48
HN1 NH2 A 27 10.68 2.21 0.53
HN2 NH2 A 27 11.28 2.66 2.10
N THR A 1 -8.27 2.65 -2.14
CA THR A 1 -7.91 1.24 -2.09
C THR A 1 -6.51 1.00 -2.63
N CYS A 2 -5.95 1.98 -3.29
CA CYS A 2 -4.62 1.86 -3.81
C CYS A 2 -3.75 2.87 -3.14
N VAL A 3 -2.85 2.41 -2.30
CA VAL A 3 -1.96 3.32 -1.64
C VAL A 3 -0.73 3.51 -2.49
N GLU A 4 -0.23 4.70 -2.50
CA GLU A 4 0.89 5.06 -3.30
C GLU A 4 1.98 5.58 -2.39
N CYS A 5 3.05 4.83 -2.30
CA CYS A 5 4.15 5.15 -1.43
C CYS A 5 5.45 5.08 -2.20
N DAL A 6 5.97 6.25 -2.57
CA DAL A 6 7.25 6.34 -3.30
CB DAL A 6 7.62 7.80 -3.59
C DAL A 6 7.29 5.47 -4.58
O DAL A 6 8.25 4.73 -4.79
H DAL A 6 5.48 7.07 -2.37
HA DAL A 6 8.00 5.94 -2.64
HB1 DAL A 6 6.93 8.22 -4.30
HB2 DAL A 6 8.62 7.84 -4.00
HB3 DAL A 6 7.60 8.37 -2.67
N DPR A 7 6.25 5.52 -5.47
CA DPR A 7 6.23 4.67 -6.67
CB DPR A 7 5.30 5.44 -7.59
CG DPR A 7 4.31 6.05 -6.68
CD DPR A 7 5.07 6.42 -5.45
C DPR A 7 5.64 3.28 -6.37
O DPR A 7 5.13 2.60 -7.29
HA DPR A 7 7.21 4.57 -7.12
HB2 DPR A 7 4.82 4.76 -8.29
HB3 DPR A 7 5.86 6.19 -8.13
HG2 DPR A 7 3.54 5.33 -6.44
HG3 DPR A 7 3.87 6.93 -7.14
HD2 DPR A 7 4.48 6.24 -4.57
HD3 DPR A 7 5.38 7.45 -5.49
N VAL A 8 5.69 2.84 -5.13
CA VAL A 8 5.13 1.56 -4.77
C VAL A 8 3.64 1.73 -4.58
N LYS A 9 2.87 1.15 -5.47
CA LYS A 9 1.45 1.27 -5.41
C LYS A 9 0.85 -0.09 -5.19
N VAL A 10 -0.03 -0.17 -4.24
CA VAL A 10 -0.72 -1.40 -3.99
C VAL A 10 -2.20 -1.20 -3.85
N CYS A 11 -2.94 -1.88 -4.68
CA CYS A 11 -4.38 -1.89 -4.59
C CYS A 11 -4.81 -3.08 -3.77
N ARG A 12 -5.55 -2.81 -2.74
CA ARG A 12 -5.97 -3.81 -1.82
C ARG A 12 -7.35 -3.37 -1.36
N PRO A 13 -8.31 -4.29 -1.16
CA PRO A 13 -9.68 -3.93 -0.69
C PRO A 13 -9.64 -3.16 0.63
N ASP A 14 -8.74 -3.57 1.49
CA ASP A 14 -8.55 -2.91 2.76
C ASP A 14 -7.34 -2.03 2.67
N PRO A 15 -7.50 -0.69 2.79
CA PRO A 15 -6.37 0.26 2.72
C PRO A 15 -5.35 0.00 3.83
N GLU A 16 -5.84 -0.54 4.93
CA GLU A 16 -5.02 -0.93 6.06
C GLU A 16 -4.03 -1.98 5.62
N GLU A 17 -4.54 -3.00 4.96
CA GLU A 17 -3.76 -4.13 4.49
C GLU A 17 -2.76 -3.63 3.43
N ALA A 18 -3.23 -2.68 2.62
CA ALA A 18 -2.42 -2.06 1.58
C ALA A 18 -1.22 -1.36 2.20
N ARG A 19 -1.47 -0.47 3.16
CA ARG A 19 -0.41 0.25 3.85
C ARG A 19 0.52 -0.72 4.54
N ARG A 20 -0.07 -1.69 5.20
CA ARG A 20 0.63 -2.71 5.96
C ARG A 20 1.70 -3.42 5.12
N GLU A 21 1.40 -3.69 3.85
CA GLU A 21 2.39 -4.31 2.99
C GLU A 21 3.30 -3.27 2.30
N ALA A 22 2.72 -2.12 1.93
CA ALA A 22 3.47 -1.07 1.24
C ALA A 22 4.55 -0.44 2.13
N GLU A 23 4.22 -0.18 3.39
CA GLU A 23 5.16 0.48 4.30
C GLU A 23 6.33 -0.42 4.68
N GLU A 24 6.20 -1.69 4.36
CA GLU A 24 7.28 -2.65 4.54
C GLU A 24 8.30 -2.49 3.43
N ARG A 25 7.82 -2.07 2.27
CA ARG A 25 8.66 -1.83 1.12
C ARG A 25 9.29 -0.47 1.24
N CYS A 26 8.53 0.46 1.77
CA CYS A 26 9.01 1.80 2.01
C CYS A 26 9.84 1.81 3.30
N NH2 A 27 11.13 1.59 3.17
HN1 NH2 A 27 11.47 1.44 2.26
HN2 NH2 A 27 11.68 1.57 3.97
N THR A 1 -8.77 -0.27 -2.80
CA THR A 1 -8.05 0.83 -2.21
C THR A 1 -6.56 0.73 -2.58
N CYS A 2 -6.08 1.68 -3.33
CA CYS A 2 -4.71 1.69 -3.74
C CYS A 2 -3.95 2.75 -2.96
N VAL A 3 -2.77 2.41 -2.51
CA VAL A 3 -1.92 3.34 -1.81
C VAL A 3 -0.63 3.50 -2.58
N GLU A 4 -0.12 4.71 -2.58
CA GLU A 4 1.09 5.03 -3.32
C GLU A 4 2.12 5.60 -2.37
N CYS A 5 3.25 4.97 -2.29
CA CYS A 5 4.32 5.43 -1.45
C CYS A 5 5.67 5.31 -2.16
N DAL A 6 6.27 6.46 -2.44
CA DAL A 6 7.60 6.55 -3.06
CB DAL A 6 8.00 8.01 -3.30
C DAL A 6 7.77 5.71 -4.35
O DAL A 6 8.78 5.00 -4.47
H DAL A 6 5.80 7.30 -2.23
HA DAL A 6 8.29 6.16 -2.34
HB1 DAL A 6 7.38 8.44 -4.07
HB2 DAL A 6 9.04 8.05 -3.61
HB3 DAL A 6 7.87 8.57 -2.38
N DPR A 7 6.82 5.74 -5.34
CA DPR A 7 6.96 4.94 -6.56
CB DPR A 7 6.15 5.74 -7.57
CG DPR A 7 5.04 6.34 -6.77
CD DPR A 7 5.59 6.58 -5.40
C DPR A 7 6.39 3.52 -6.42
O DPR A 7 6.35 2.76 -7.40
HA DPR A 7 7.99 4.88 -6.88
HB2 DPR A 7 5.78 5.07 -8.34
HB3 DPR A 7 6.78 6.49 -8.02
HG2 DPR A 7 4.21 5.64 -6.73
HG3 DPR A 7 4.73 7.27 -7.22
HD2 DPR A 7 4.88 6.25 -4.64
HD3 DPR A 7 5.82 7.62 -5.26
N VAL A 8 5.96 3.15 -5.24
CA VAL A 8 5.38 1.84 -5.01
C VAL A 8 3.89 2.01 -4.73
N LYS A 9 3.06 1.47 -5.60
CA LYS A 9 1.65 1.53 -5.39
C LYS A 9 1.05 0.13 -5.36
N VAL A 10 0.25 -0.13 -4.36
CA VAL A 10 -0.37 -1.43 -4.18
C VAL A 10 -1.87 -1.25 -3.90
N CYS A 11 -2.68 -2.20 -4.33
CA CYS A 11 -4.11 -2.14 -4.15
C CYS A 11 -4.59 -3.32 -3.30
N ARG A 12 -5.33 -3.02 -2.27
CA ARG A 12 -5.93 -3.99 -1.37
C ARG A 12 -7.31 -3.48 -1.01
N PRO A 13 -8.23 -4.33 -0.53
CA PRO A 13 -9.59 -3.90 -0.18
C PRO A 13 -9.57 -2.84 0.92
N ASP A 14 -8.93 -3.16 2.02
CA ASP A 14 -8.81 -2.22 3.12
C ASP A 14 -7.55 -1.41 2.99
N PRO A 15 -7.61 -0.10 3.33
CA PRO A 15 -6.43 0.78 3.28
C PRO A 15 -5.34 0.29 4.21
N GLU A 16 -5.74 -0.27 5.35
CA GLU A 16 -4.79 -0.85 6.29
C GLU A 16 -4.02 -1.98 5.63
N GLU A 17 -4.73 -2.84 4.89
CA GLU A 17 -4.14 -3.97 4.21
C GLU A 17 -3.19 -3.50 3.12
N ALA A 18 -3.57 -2.43 2.44
CA ALA A 18 -2.76 -1.88 1.40
C ALA A 18 -1.46 -1.36 1.98
N ARG A 19 -1.56 -0.51 3.00
CA ARG A 19 -0.40 0.05 3.64
C ARG A 19 0.41 -1.03 4.33
N ARG A 20 -0.26 -2.02 4.87
CA ARG A 20 0.36 -3.17 5.55
C ARG A 20 1.54 -3.74 4.75
N GLU A 21 1.32 -4.02 3.48
CA GLU A 21 2.37 -4.54 2.66
C GLU A 21 3.19 -3.42 2.02
N ALA A 22 2.58 -2.26 1.83
CA ALA A 22 3.28 -1.10 1.27
C ALA A 22 4.39 -0.58 2.21
N GLU A 23 4.05 -0.38 3.50
CA GLU A 23 4.98 0.19 4.52
C GLU A 23 6.26 -0.64 4.60
N GLU A 24 6.13 -1.92 4.34
CA GLU A 24 7.22 -2.88 4.40
C GLU A 24 8.29 -2.53 3.35
N ARG A 25 7.86 -2.07 2.20
CA ARG A 25 8.77 -1.76 1.12
C ARG A 25 9.05 -0.27 1.08
N CYS A 26 8.02 0.51 1.32
CA CYS A 26 8.12 1.95 1.31
C CYS A 26 8.81 2.46 2.59
N NH2 A 27 8.07 2.59 3.67
HN1 NH2 A 27 7.11 2.37 3.63
HN2 NH2 A 27 8.52 2.90 4.49
N THR A 1 -8.39 2.17 -1.80
CA THR A 1 -8.08 0.97 -2.54
C THR A 1 -6.59 0.92 -2.92
N CYS A 2 -5.96 2.05 -3.22
CA CYS A 2 -4.56 2.01 -3.60
C CYS A 2 -3.77 3.03 -2.81
N VAL A 3 -2.64 2.61 -2.31
CA VAL A 3 -1.75 3.50 -1.61
C VAL A 3 -0.48 3.69 -2.44
N GLU A 4 -0.14 4.93 -2.69
CA GLU A 4 1.01 5.26 -3.51
C GLU A 4 2.15 5.69 -2.60
N CYS A 5 3.24 4.98 -2.65
CA CYS A 5 4.39 5.37 -1.86
C CYS A 5 5.64 4.78 -2.47
N DAL A 6 6.65 5.63 -2.62
CA DAL A 6 7.94 5.23 -3.17
CB DAL A 6 8.91 6.40 -3.18
C DAL A 6 7.84 4.56 -4.57
O DAL A 6 8.47 3.53 -4.77
H DAL A 6 6.51 6.57 -2.37
HA DAL A 6 8.34 4.49 -2.49
HB1 DAL A 6 8.57 7.15 -3.88
HB2 DAL A 6 9.89 6.06 -3.48
HB3 DAL A 6 8.97 6.83 -2.20
N DPR A 7 7.04 5.09 -5.55
CA DPR A 7 6.89 4.45 -6.87
CB DPR A 7 6.14 5.49 -7.70
CG DPR A 7 5.40 6.31 -6.71
CD DPR A 7 6.29 6.39 -5.50
C DPR A 7 6.10 3.13 -6.81
O DPR A 7 5.91 2.47 -7.85
HA DPR A 7 7.86 4.26 -7.31
HB2 DPR A 7 5.46 4.99 -8.38
HB3 DPR A 7 6.84 6.09 -8.27
HG2 DPR A 7 4.47 5.83 -6.46
HG3 DPR A 7 5.22 7.30 -7.11
HD2 DPR A 7 5.70 6.45 -4.60
HD3 DPR A 7 6.95 7.23 -5.59
N VAL A 8 5.64 2.74 -5.63
CA VAL A 8 4.90 1.52 -5.46
C VAL A 8 3.44 1.84 -5.18
N LYS A 9 2.56 1.14 -5.85
CA LYS A 9 1.16 1.28 -5.62
C LYS A 9 0.58 -0.03 -5.14
N VAL A 10 0.15 -0.05 -3.92
CA VAL A 10 -0.44 -1.25 -3.37
C VAL A 10 -1.94 -1.12 -3.40
N CYS A 11 -2.54 -1.85 -4.27
CA CYS A 11 -3.96 -1.83 -4.41
C CYS A 11 -4.61 -2.99 -3.69
N ARG A 12 -5.37 -2.69 -2.70
CA ARG A 12 -6.05 -3.64 -1.90
C ARG A 12 -7.29 -2.93 -1.34
N PRO A 13 -8.49 -3.56 -1.40
CA PRO A 13 -9.72 -2.95 -0.87
C PRO A 13 -9.60 -2.64 0.62
N ASP A 14 -8.85 -3.47 1.32
CA ASP A 14 -8.56 -3.28 2.73
C ASP A 14 -7.44 -2.26 2.86
N PRO A 15 -7.75 -1.04 3.35
CA PRO A 15 -6.76 0.05 3.43
C PRO A 15 -5.57 -0.29 4.31
N GLU A 16 -5.82 -0.97 5.42
CA GLU A 16 -4.76 -1.31 6.34
C GLU A 16 -3.92 -2.45 5.83
N GLU A 17 -4.49 -3.28 4.99
CA GLU A 17 -3.71 -4.35 4.39
C GLU A 17 -2.82 -3.75 3.32
N ALA A 18 -3.35 -2.76 2.59
CA ALA A 18 -2.59 -2.05 1.59
C ALA A 18 -1.39 -1.38 2.25
N ARG A 19 -1.66 -0.68 3.34
CA ARG A 19 -0.63 0.00 4.11
C ARG A 19 0.38 -0.97 4.70
N ARG A 20 -0.10 -2.11 5.17
CA ARG A 20 0.77 -3.10 5.80
C ARG A 20 1.79 -3.65 4.80
N GLU A 21 1.34 -3.92 3.60
CA GLU A 21 2.23 -4.43 2.59
C GLU A 21 3.13 -3.31 2.06
N ALA A 22 2.56 -2.11 2.02
CA ALA A 22 3.28 -0.96 1.52
C ALA A 22 4.41 -0.54 2.46
N GLU A 23 4.13 -0.53 3.77
CA GLU A 23 5.09 -0.05 4.80
C GLU A 23 6.44 -0.77 4.74
N GLU A 24 6.44 -2.01 4.25
CA GLU A 24 7.67 -2.78 4.11
C GLU A 24 8.63 -2.14 3.11
N ARG A 25 8.08 -1.40 2.16
CA ARG A 25 8.91 -0.71 1.18
C ARG A 25 8.83 0.80 1.34
N CYS A 26 7.69 1.25 1.78
CA CYS A 26 7.43 2.65 2.01
C CYS A 26 8.04 3.09 3.33
N NH2 A 27 9.30 3.49 3.29
HN1 NH2 A 27 9.75 3.48 2.42
HN2 NH2 A 27 9.72 3.78 4.12
N THR A 1 -8.18 2.17 -1.39
CA THR A 1 -7.89 1.09 -2.29
C THR A 1 -6.39 1.09 -2.66
N CYS A 2 -5.92 2.16 -3.27
CA CYS A 2 -4.54 2.24 -3.72
C CYS A 2 -3.77 3.32 -2.99
N VAL A 3 -2.78 2.90 -2.22
CA VAL A 3 -1.87 3.82 -1.56
C VAL A 3 -0.60 3.87 -2.39
N GLU A 4 0.21 4.88 -2.22
CA GLU A 4 1.38 5.03 -3.06
C GLU A 4 2.63 5.28 -2.22
N CYS A 5 3.67 4.52 -2.48
CA CYS A 5 4.93 4.70 -1.78
C CYS A 5 6.10 4.45 -2.73
N DAL A 6 6.80 5.52 -3.06
CA DAL A 6 8.03 5.48 -3.87
CB DAL A 6 8.65 6.87 -4.01
C DAL A 6 7.87 4.76 -5.24
O DAL A 6 8.67 3.89 -5.55
H DAL A 6 6.47 6.40 -2.76
HA DAL A 6 8.73 4.89 -3.29
HB1 DAL A 6 8.02 7.49 -4.64
HB2 DAL A 6 9.62 6.77 -4.47
HB3 DAL A 6 8.75 7.32 -3.04
N DPR A 7 6.88 5.10 -6.09
CA DPR A 7 6.69 4.40 -7.37
CB DPR A 7 5.89 5.41 -8.19
CG DPR A 7 5.07 6.13 -7.20
CD DPR A 7 5.90 6.21 -5.94
C DPR A 7 5.90 3.10 -7.21
O DPR A 7 5.41 2.54 -8.20
HA DPR A 7 7.64 4.20 -7.85
HB2 DPR A 7 5.27 4.87 -8.91
HB3 DPR A 7 6.56 6.07 -8.72
HG2 DPR A 7 4.16 5.58 -7.01
HG3 DPR A 7 4.83 7.12 -7.56
HD2 DPR A 7 5.28 6.06 -5.07
HD3 DPR A 7 6.41 7.16 -5.90
N VAL A 8 5.79 2.62 -5.99
CA VAL A 8 5.09 1.39 -5.74
C VAL A 8 3.70 1.71 -5.21
N LYS A 9 2.69 1.36 -5.95
CA LYS A 9 1.35 1.54 -5.46
C LYS A 9 0.84 0.23 -4.92
N VAL A 10 0.18 0.29 -3.81
CA VAL A 10 -0.34 -0.88 -3.19
C VAL A 10 -1.84 -0.82 -3.24
N CYS A 11 -2.42 -1.65 -4.05
CA CYS A 11 -3.85 -1.67 -4.20
C CYS A 11 -4.43 -2.88 -3.51
N ARG A 12 -5.09 -2.64 -2.44
CA ARG A 12 -5.72 -3.68 -1.68
C ARG A 12 -7.13 -3.26 -1.36
N PRO A 13 -8.07 -4.21 -1.36
CA PRO A 13 -9.46 -3.96 -0.99
C PRO A 13 -9.55 -3.28 0.37
N ASP A 14 -8.84 -3.82 1.33
CA ASP A 14 -8.80 -3.23 2.65
C ASP A 14 -7.60 -2.33 2.79
N PRO A 15 -7.80 -1.13 3.37
CA PRO A 15 -6.70 -0.18 3.63
C PRO A 15 -5.70 -0.78 4.62
N GLU A 16 -6.22 -1.73 5.39
CA GLU A 16 -5.45 -2.53 6.33
C GLU A 16 -4.24 -3.15 5.63
N GLU A 17 -4.53 -3.91 4.59
CA GLU A 17 -3.54 -4.64 3.85
C GLU A 17 -2.68 -3.67 3.05
N ALA A 18 -3.35 -2.66 2.48
CA ALA A 18 -2.70 -1.64 1.67
C ALA A 18 -1.60 -0.95 2.45
N ARG A 19 -1.94 -0.43 3.62
CA ARG A 19 -0.99 0.26 4.47
C ARG A 19 0.06 -0.70 4.98
N ARG A 20 -0.37 -1.90 5.37
CA ARG A 20 0.52 -2.95 5.87
C ARG A 20 1.67 -3.18 4.89
N GLU A 21 1.33 -3.44 3.67
CA GLU A 21 2.28 -3.73 2.65
C GLU A 21 3.03 -2.46 2.21
N ALA A 22 2.37 -1.32 2.29
CA ALA A 22 3.00 -0.05 1.95
C ALA A 22 4.16 0.25 2.89
N GLU A 23 3.95 0.03 4.19
CA GLU A 23 4.98 0.27 5.21
C GLU A 23 6.26 -0.53 4.91
N GLU A 24 6.10 -1.69 4.34
CA GLU A 24 7.23 -2.54 4.01
C GLU A 24 7.85 -2.20 2.66
N ARG A 25 7.09 -1.52 1.82
CA ARG A 25 7.60 -1.08 0.52
C ARG A 25 8.33 0.24 0.71
N CYS A 26 7.97 0.93 1.76
CA CYS A 26 8.60 2.17 2.15
C CYS A 26 9.91 1.86 2.88
N NH2 A 27 11.00 1.89 2.15
HN1 NH2 A 27 10.93 2.14 1.20
HN2 NH2 A 27 11.86 1.66 2.58
N THR A 1 -8.20 2.10 -1.93
CA THR A 1 -7.64 0.75 -1.88
C THR A 1 -6.18 0.75 -2.33
N CYS A 2 -5.79 1.74 -3.10
CA CYS A 2 -4.44 1.85 -3.56
C CYS A 2 -3.71 2.90 -2.77
N VAL A 3 -2.68 2.48 -2.11
CA VAL A 3 -1.82 3.39 -1.41
C VAL A 3 -0.58 3.57 -2.23
N GLU A 4 -0.03 4.73 -2.24
CA GLU A 4 1.13 5.00 -3.01
C GLU A 4 2.30 5.20 -2.12
N CYS A 5 3.30 4.42 -2.33
CA CYS A 5 4.49 4.50 -1.55
C CYS A 5 5.66 4.36 -2.49
N DAL A 6 6.52 5.35 -2.49
CA DAL A 6 7.68 5.40 -3.39
CB DAL A 6 8.49 6.67 -3.16
C DAL A 6 7.31 5.23 -4.89
O DAL A 6 7.97 4.48 -5.58
H DAL A 6 6.40 6.07 -1.85
HA DAL A 6 8.30 4.57 -3.12
HB1 DAL A 6 7.90 7.53 -3.47
HB2 DAL A 6 9.39 6.63 -3.74
HB3 DAL A 6 8.73 6.77 -2.11
N DPR A 7 6.23 5.90 -5.44
CA DPR A 7 5.86 5.74 -6.85
CB DPR A 7 4.93 6.93 -7.11
CG DPR A 7 4.28 7.16 -5.80
CD DPR A 7 5.34 6.89 -4.77
C DPR A 7 5.11 4.41 -7.14
O DPR A 7 4.55 4.22 -8.23
HA DPR A 7 6.72 5.79 -7.50
HB2 DPR A 7 4.20 6.66 -7.86
HB3 DPR A 7 5.50 7.77 -7.43
HG2 DPR A 7 3.45 6.48 -5.68
HG3 DPR A 7 3.94 8.18 -5.74
HD2 DPR A 7 4.91 6.47 -3.88
HD3 DPR A 7 5.88 7.80 -4.53
N VAL A 8 5.10 3.52 -6.17
CA VAL A 8 4.47 2.22 -6.32
C VAL A 8 3.09 2.26 -5.67
N LYS A 9 2.08 1.88 -6.41
CA LYS A 9 0.76 1.81 -5.86
C LYS A 9 0.46 0.39 -5.42
N VAL A 10 0.13 0.23 -4.18
CA VAL A 10 -0.23 -1.06 -3.65
C VAL A 10 -1.74 -1.07 -3.49
N CYS A 11 -2.40 -1.89 -4.26
CA CYS A 11 -3.84 -1.93 -4.24
C CYS A 11 -4.33 -3.19 -3.56
N ARG A 12 -4.91 -3.03 -2.40
CA ARG A 12 -5.45 -4.14 -1.64
C ARG A 12 -6.88 -3.79 -1.26
N PRO A 13 -7.75 -4.79 -1.00
CA PRO A 13 -9.18 -4.58 -0.65
C PRO A 13 -9.36 -3.62 0.53
N ASP A 14 -8.50 -3.75 1.51
CA ASP A 14 -8.51 -2.90 2.67
C ASP A 14 -7.40 -1.91 2.56
N PRO A 15 -7.68 -0.62 2.82
CA PRO A 15 -6.66 0.42 2.79
C PRO A 15 -5.57 0.14 3.83
N GLU A 16 -5.99 -0.48 4.93
CA GLU A 16 -5.09 -0.85 6.01
C GLU A 16 -4.12 -1.94 5.56
N GLU A 17 -4.64 -2.88 4.78
CA GLU A 17 -3.86 -3.99 4.29
C GLU A 17 -2.85 -3.49 3.28
N ALA A 18 -3.32 -2.57 2.43
CA ALA A 18 -2.50 -1.95 1.43
C ALA A 18 -1.37 -1.16 2.07
N ARG A 19 -1.73 -0.33 3.06
CA ARG A 19 -0.78 0.50 3.77
C ARG A 19 0.29 -0.35 4.41
N ARG A 20 -0.17 -1.45 5.04
CA ARG A 20 0.69 -2.42 5.71
C ARG A 20 1.82 -2.85 4.81
N GLU A 21 1.46 -3.40 3.68
CA GLU A 21 2.43 -3.94 2.76
C GLU A 21 3.29 -2.86 2.15
N ALA A 22 2.71 -1.69 1.91
CA ALA A 22 3.45 -0.57 1.36
C ALA A 22 4.54 -0.09 2.33
N GLU A 23 4.17 0.12 3.58
CA GLU A 23 5.12 0.64 4.57
C GLU A 23 6.14 -0.40 4.97
N GLU A 24 5.76 -1.68 4.93
CA GLU A 24 6.70 -2.74 5.22
C GLU A 24 7.66 -2.93 4.04
N ARG A 25 7.23 -2.52 2.88
CA ARG A 25 8.05 -2.56 1.69
C ARG A 25 9.03 -1.39 1.73
N CYS A 26 8.47 -0.20 1.81
CA CYS A 26 9.23 1.04 1.83
C CYS A 26 10.09 1.13 3.09
N NH2 A 27 9.49 1.43 4.21
HN1 NH2 A 27 8.52 1.58 4.21
HN2 NH2 A 27 10.02 1.50 5.03
N THR A 1 -8.78 1.59 -2.73
CA THR A 1 -8.18 0.25 -2.67
C THR A 1 -6.63 0.31 -2.91
N CYS A 2 -6.12 1.37 -3.52
CA CYS A 2 -4.70 1.47 -3.81
C CYS A 2 -4.09 2.65 -3.11
N VAL A 3 -2.96 2.45 -2.46
CA VAL A 3 -2.26 3.51 -1.78
C VAL A 3 -0.90 3.71 -2.42
N GLU A 4 -0.29 4.85 -2.16
CA GLU A 4 1.00 5.16 -2.71
C GLU A 4 2.04 5.13 -1.61
N CYS A 5 3.15 4.52 -1.89
CA CYS A 5 4.30 4.54 -1.00
C CYS A 5 5.53 4.74 -1.84
N DAL A 6 6.02 5.97 -1.88
CA DAL A 6 7.20 6.34 -2.64
CB DAL A 6 7.47 7.85 -2.54
C DAL A 6 7.14 5.87 -4.13
O DAL A 6 8.07 5.22 -4.58
H DAL A 6 5.56 6.66 -1.36
HA DAL A 6 8.03 5.83 -2.19
HB1 DAL A 6 6.68 8.39 -3.03
HB2 DAL A 6 8.41 8.07 -3.02
HB3 DAL A 6 7.52 8.13 -1.50
N DPR A 7 6.04 6.15 -4.91
CA DPR A 7 5.96 5.71 -6.30
CB DPR A 7 4.98 6.71 -6.92
CG DPR A 7 4.03 7.01 -5.81
CD DPR A 7 4.83 6.94 -4.54
C DPR A 7 5.42 4.28 -6.44
O DPR A 7 4.99 3.86 -7.51
HA DPR A 7 6.92 5.78 -6.80
HB2 DPR A 7 4.49 6.26 -7.76
HB3 DPR A 7 5.52 7.59 -7.23
HG2 DPR A 7 3.24 6.26 -5.81
HG3 DPR A 7 3.61 7.99 -5.95
HD2 DPR A 7 4.27 6.43 -3.76
HD3 DPR A 7 5.09 7.94 -4.21
N VAL A 8 5.45 3.52 -5.37
CA VAL A 8 4.94 2.17 -5.40
C VAL A 8 3.46 2.20 -5.05
N LYS A 9 2.65 1.63 -5.92
CA LYS A 9 1.23 1.60 -5.69
C LYS A 9 0.82 0.20 -5.26
N VAL A 10 0.24 0.10 -4.11
CA VAL A 10 -0.19 -1.18 -3.60
C VAL A 10 -1.69 -1.20 -3.47
N CYS A 11 -2.28 -2.22 -4.00
CA CYS A 11 -3.70 -2.37 -4.02
C CYS A 11 -4.11 -3.58 -3.18
N ARG A 12 -4.97 -3.33 -2.22
CA ARG A 12 -5.52 -4.36 -1.36
C ARG A 12 -6.96 -3.98 -1.07
N PRO A 13 -7.81 -4.94 -0.66
CA PRO A 13 -9.24 -4.67 -0.34
C PRO A 13 -9.40 -3.63 0.78
N ASP A 14 -8.43 -3.58 1.65
CA ASP A 14 -8.44 -2.67 2.76
C ASP A 14 -7.32 -1.67 2.60
N PRO A 15 -7.59 -0.37 2.81
CA PRO A 15 -6.58 0.69 2.68
C PRO A 15 -5.42 0.50 3.67
N GLU A 16 -5.75 0.09 4.89
CA GLU A 16 -4.75 -0.13 5.91
C GLU A 16 -3.88 -1.33 5.55
N GLU A 17 -4.50 -2.32 4.93
CA GLU A 17 -3.80 -3.51 4.49
C GLU A 17 -2.81 -3.09 3.41
N ALA A 18 -3.29 -2.28 2.47
CA ALA A 18 -2.49 -1.77 1.38
C ALA A 18 -1.32 -0.97 1.92
N ARG A 19 -1.60 -0.10 2.91
CA ARG A 19 -0.57 0.69 3.55
C ARG A 19 0.50 -0.20 4.16
N ARG A 20 0.06 -1.17 4.96
CA ARG A 20 0.97 -2.09 5.63
C ARG A 20 1.85 -2.81 4.65
N GLU A 21 1.27 -3.32 3.58
CA GLU A 21 2.02 -3.96 2.51
C GLU A 21 3.07 -3.00 1.96
N ALA A 22 2.60 -1.82 1.59
CA ALA A 22 3.41 -0.80 0.97
C ALA A 22 4.58 -0.37 1.84
N GLU A 23 4.31 0.15 3.02
CA GLU A 23 5.38 0.70 3.84
C GLU A 23 6.32 -0.36 4.37
N GLU A 24 5.83 -1.58 4.52
CA GLU A 24 6.68 -2.67 4.98
C GLU A 24 7.63 -3.06 3.84
N ARG A 25 7.15 -2.95 2.61
CA ARG A 25 8.00 -3.21 1.46
C ARG A 25 8.97 -2.05 1.23
N CYS A 26 8.47 -0.83 1.39
CA CYS A 26 9.26 0.39 1.25
C CYS A 26 10.46 0.39 2.21
N NH2 A 27 10.19 0.55 3.49
HN1 NH2 A 27 9.26 0.66 3.78
HN2 NH2 A 27 10.96 0.55 4.11
#